data_1BNX
#
_entry.id   1BNX
#
_cell.length_a   1.000
_cell.length_b   1.000
_cell.length_c   1.000
_cell.angle_alpha   90.00
_cell.angle_beta   90.00
_cell.angle_gamma   90.00
#
_symmetry.space_group_name_H-M   'P 1'
#
_entity_poly.entity_id   1
_entity_poly.type   'polypeptide(L)'
_entity_poly.pdbx_seq_one_letter_code
;(ACE)RYPYYLSDITDVIFIYFAALSPAITFGGLLGEK
;
_entity_poly.pdbx_strand_id   A
#
loop_
_chem_comp.id
_chem_comp.type
_chem_comp.name
_chem_comp.formula
ACE non-polymer 'ACETYL GROUP' 'C2 H4 O'
#
# COMPACT_ATOMS: atom_id res chain seq x y z
C ACE A 1 -14.45 18.86 9.49
O ACE A 1 -14.54 18.57 10.68
CH3 ACE A 1 -13.52 19.98 9.03
H1 ACE A 1 -13.35 19.89 7.97
H2 ACE A 1 -12.57 19.91 9.54
H3 ACE A 1 -13.97 20.94 9.24
N ARG A 2 -15.14 18.23 8.59
CA ARG A 2 -16.07 17.13 8.97
C ARG A 2 -15.58 15.79 8.39
N TYR A 3 -14.55 15.81 7.57
CA TYR A 3 -14.04 14.54 6.99
C TYR A 3 -12.56 14.33 7.36
N PRO A 4 -12.31 14.04 8.61
CA PRO A 4 -10.94 13.79 9.20
C PRO A 4 -10.47 12.39 8.81
N TYR A 5 -11.29 11.42 9.07
CA TYR A 5 -10.94 10.00 8.76
C TYR A 5 -10.57 9.85 7.28
N TYR A 6 -11.00 10.75 6.43
CA TYR A 6 -10.68 10.62 4.97
C TYR A 6 -9.23 11.03 4.68
N LEU A 7 -8.69 11.95 5.43
CA LEU A 7 -7.29 12.42 5.18
C LEU A 7 -6.26 11.60 5.97
N SER A 8 -6.50 11.40 7.25
CA SER A 8 -5.50 10.65 8.08
C SER A 8 -5.58 9.14 7.88
N ASP A 9 -6.74 8.56 8.10
CA ASP A 9 -6.88 7.08 7.96
C ASP A 9 -6.58 6.63 6.52
N ILE A 10 -6.69 7.50 5.55
CA ILE A 10 -6.41 7.10 4.15
C ILE A 10 -4.89 7.04 3.93
N THR A 11 -4.19 8.06 4.36
CA THR A 11 -2.71 8.10 4.19
C THR A 11 -2.08 6.92 4.95
N ASP A 12 -2.66 6.55 6.06
CA ASP A 12 -2.09 5.41 6.85
C ASP A 12 -2.31 4.11 6.09
N VAL A 13 -3.41 3.99 5.41
CA VAL A 13 -3.70 2.76 4.64
C VAL A 13 -2.69 2.64 3.49
N ILE A 14 -2.32 3.75 2.90
CA ILE A 14 -1.35 3.73 1.77
C ILE A 14 0.08 3.58 2.32
N PHE A 15 0.29 3.87 3.58
CA PHE A 15 1.67 3.77 4.15
C PHE A 15 2.07 2.29 4.34
N ILE A 16 1.17 1.48 4.84
CA ILE A 16 1.49 0.04 5.06
C ILE A 16 1.15 -0.80 3.83
N TYR A 17 0.27 -0.32 2.98
CA TYR A 17 -0.09 -1.11 1.77
C TYR A 17 1.07 -1.09 0.77
N PHE A 18 1.75 0.03 0.66
CA PHE A 18 2.89 0.12 -0.29
C PHE A 18 4.19 -0.31 0.41
N ALA A 19 4.26 -0.13 1.71
CA ALA A 19 5.48 -0.51 2.47
C ALA A 19 5.66 -2.03 2.45
N ALA A 20 4.64 -2.74 2.88
CA ALA A 20 4.73 -4.24 2.93
C ALA A 20 4.95 -4.83 1.54
N LEU A 21 4.15 -4.43 0.59
CA LEU A 21 4.26 -4.98 -0.80
C LEU A 21 5.51 -4.43 -1.52
N SER A 22 6.09 -3.38 -1.04
CA SER A 22 7.29 -2.80 -1.73
C SER A 22 8.41 -3.85 -1.86
N PRO A 23 8.86 -4.40 -0.75
CA PRO A 23 9.94 -5.45 -0.68
C PRO A 23 9.47 -6.77 -1.28
N ALA A 24 8.38 -7.27 -0.79
CA ALA A 24 7.81 -8.57 -1.30
C ALA A 24 7.80 -8.60 -2.85
N ILE A 25 7.70 -7.45 -3.48
CA ILE A 25 7.67 -7.41 -4.97
C ILE A 25 9.12 -7.50 -5.50
N THR A 26 10.03 -6.82 -4.89
CA THR A 26 11.46 -6.85 -5.36
C THR A 26 12.03 -8.26 -5.18
N PHE A 27 12.17 -8.69 -3.94
CA PHE A 27 12.72 -10.04 -3.67
C PHE A 27 11.88 -11.13 -4.35
N GLY A 28 12.51 -12.15 -4.85
CA GLY A 28 11.75 -13.26 -5.52
C GLY A 28 11.02 -12.71 -6.75
N GLY A 29 10.06 -13.44 -7.24
CA GLY A 29 9.29 -12.98 -8.43
C GLY A 29 9.97 -13.45 -9.72
N LEU A 30 10.81 -14.46 -9.63
CA LEU A 30 11.50 -14.97 -10.85
C LEU A 30 10.66 -16.06 -11.50
N LEU A 31 10.52 -17.19 -10.85
CA LEU A 31 9.72 -18.31 -11.42
C LEU A 31 8.23 -17.94 -11.37
N GLY A 32 7.68 -17.79 -10.18
CA GLY A 32 6.24 -17.44 -10.05
C GLY A 32 6.09 -15.91 -10.04
N GLU A 33 5.21 -15.40 -10.86
CA GLU A 33 4.99 -13.92 -10.90
C GLU A 33 4.04 -13.51 -9.78
N LYS A 34 3.05 -14.32 -9.51
CA LYS A 34 2.08 -13.99 -8.44
C LYS A 34 1.36 -15.27 -7.98
C ACE A 1 11.76 -1.79 22.33
O ACE A 1 10.63 -1.53 22.69
CH3 ACE A 1 12.45 -3.09 22.76
H1 ACE A 1 12.24 -3.85 22.03
H2 ACE A 1 12.07 -3.39 23.72
H3 ACE A 1 13.52 -2.93 22.83
N ARG A 2 12.44 -0.97 21.57
CA ARG A 2 11.83 0.31 21.11
C ARG A 2 10.85 0.02 19.98
N TYR A 3 11.35 -0.26 18.80
CA TYR A 3 10.45 -0.56 17.65
C TYR A 3 10.99 -1.77 16.84
N PRO A 4 11.19 -2.89 17.51
CA PRO A 4 11.69 -4.17 16.91
C PRO A 4 10.53 -4.91 16.22
N TYR A 5 9.72 -5.61 16.97
CA TYR A 5 8.57 -6.34 16.36
C TYR A 5 7.56 -5.35 15.78
N TYR A 6 7.61 -4.11 16.19
CA TYR A 6 6.66 -3.09 15.67
C TYR A 6 6.87 -2.93 14.15
N LEU A 7 8.09 -3.06 13.71
CA LEU A 7 8.39 -2.93 12.26
C LEU A 7 7.62 -3.98 11.45
N SER A 8 7.40 -5.13 12.02
CA SER A 8 6.66 -6.22 11.28
C SER A 8 5.19 -5.82 11.14
N ASP A 9 4.66 -5.10 12.08
CA ASP A 9 3.23 -4.68 12.01
C ASP A 9 3.07 -3.57 10.95
N ILE A 10 4.09 -2.78 10.75
CA ILE A 10 4.00 -1.69 9.73
C ILE A 10 4.16 -2.28 8.33
N THR A 11 4.98 -3.29 8.19
CA THR A 11 5.20 -3.91 6.86
C THR A 11 3.89 -4.48 6.32
N ASP A 12 3.17 -5.20 7.13
CA ASP A 12 1.87 -5.79 6.68
C ASP A 12 0.90 -4.68 6.28
N VAL A 13 0.82 -3.66 7.09
CA VAL A 13 -0.12 -2.53 6.79
C VAL A 13 0.29 -1.84 5.48
N ILE A 14 1.56 -1.90 5.14
CA ILE A 14 2.02 -1.25 3.88
C ILE A 14 1.43 -2.00 2.68
N PHE A 15 1.33 -3.30 2.76
CA PHE A 15 0.76 -4.09 1.64
C PHE A 15 -0.68 -3.66 1.39
N ILE A 16 -1.50 -3.69 2.41
CA ILE A 16 -2.93 -3.28 2.25
C ILE A 16 -3.04 -1.75 2.11
N TYR A 17 -1.97 -1.03 2.35
CA TYR A 17 -2.04 0.46 2.24
C TYR A 17 -2.14 0.87 0.76
N PHE A 18 -1.07 0.68 0.02
CA PHE A 18 -1.08 1.06 -1.42
C PHE A 18 -2.17 0.28 -2.16
N ALA A 19 -2.45 -0.93 -1.73
CA ALA A 19 -3.49 -1.76 -2.41
C ALA A 19 -4.85 -1.07 -2.37
N ALA A 20 -5.29 -0.69 -1.20
CA ALA A 20 -6.62 -0.02 -1.06
C ALA A 20 -6.73 1.22 -1.96
N LEU A 21 -5.71 2.01 -1.96
CA LEU A 21 -5.71 3.27 -2.77
C LEU A 21 -5.64 2.98 -4.28
N SER A 22 -5.17 1.82 -4.66
CA SER A 22 -5.05 1.49 -6.12
C SER A 22 -6.41 1.62 -6.83
N PRO A 23 -7.40 0.87 -6.39
CA PRO A 23 -8.80 0.84 -6.97
C PRO A 23 -9.52 2.14 -6.67
N ALA A 24 -9.61 2.49 -5.43
CA ALA A 24 -10.31 3.76 -5.02
C ALA A 24 -9.85 4.94 -5.88
N ILE A 25 -8.63 4.88 -6.38
CA ILE A 25 -8.12 5.98 -7.24
C ILE A 25 -8.45 5.69 -8.71
N THR A 26 -8.42 4.44 -9.10
CA THR A 26 -8.74 4.08 -10.53
C THR A 26 -10.13 4.60 -10.91
N PHE A 27 -11.08 4.51 -10.01
CA PHE A 27 -12.45 5.00 -10.33
C PHE A 27 -12.49 6.52 -10.24
N GLY A 28 -12.51 7.19 -11.37
CA GLY A 28 -12.55 8.68 -11.36
C GLY A 28 -11.23 9.23 -11.90
N GLY A 29 -11.23 9.66 -13.13
CA GLY A 29 -9.99 10.22 -13.74
C GLY A 29 -9.39 9.22 -14.71
N LEU A 30 -10.02 9.03 -15.85
CA LEU A 30 -9.50 8.05 -16.85
C LEU A 30 -8.11 8.49 -17.32
N LEU A 31 -7.16 7.58 -17.33
CA LEU A 31 -5.79 7.94 -17.78
C LEU A 31 -5.69 7.80 -19.29
N GLY A 32 -6.39 6.85 -19.86
CA GLY A 32 -6.33 6.65 -21.34
C GLY A 32 -7.22 5.47 -21.73
N GLU A 33 -7.59 5.37 -22.98
CA GLU A 33 -8.46 4.24 -23.43
C GLU A 33 -7.64 2.96 -23.49
N LYS A 34 -6.41 3.04 -23.95
CA LYS A 34 -5.55 1.83 -24.04
C LYS A 34 -4.08 2.23 -23.94
C ACE A 1 -21.67 -8.16 -8.87
O ACE A 1 -21.84 -8.83 -9.88
CH3 ACE A 1 -22.30 -8.58 -7.53
H1 ACE A 1 -22.15 -9.63 -7.38
H2 ACE A 1 -23.36 -8.36 -7.56
H3 ACE A 1 -21.83 -8.02 -6.73
N ARG A 2 -20.95 -7.06 -8.88
CA ARG A 2 -20.31 -6.60 -10.14
C ARG A 2 -18.79 -6.68 -10.04
N TYR A 3 -18.26 -6.71 -8.84
CA TYR A 3 -16.78 -6.78 -8.68
C TYR A 3 -16.43 -7.39 -7.32
N PRO A 4 -16.49 -8.70 -7.25
CA PRO A 4 -16.17 -9.52 -6.03
C PRO A 4 -14.67 -9.74 -5.89
N TYR A 5 -14.11 -10.56 -6.73
CA TYR A 5 -12.65 -10.83 -6.67
C TYR A 5 -11.85 -9.76 -7.42
N TYR A 6 -12.49 -9.00 -8.28
CA TYR A 6 -11.77 -7.94 -9.04
C TYR A 6 -11.17 -6.91 -8.06
N LEU A 7 -11.89 -6.57 -7.03
CA LEU A 7 -11.39 -5.56 -6.05
C LEU A 7 -10.32 -6.20 -5.16
N SER A 8 -10.41 -7.47 -4.92
CA SER A 8 -9.41 -8.16 -4.04
C SER A 8 -7.98 -7.98 -4.57
N ASP A 9 -7.84 -7.68 -5.84
CA ASP A 9 -6.47 -7.51 -6.43
C ASP A 9 -5.85 -6.19 -5.98
N ILE A 10 -6.45 -5.08 -6.33
CA ILE A 10 -5.89 -3.75 -5.95
C ILE A 10 -5.85 -3.60 -4.41
N THR A 11 -6.67 -4.35 -3.71
CA THR A 11 -6.69 -4.24 -2.22
C THR A 11 -5.39 -4.79 -1.62
N ASP A 12 -4.99 -5.96 -2.03
CA ASP A 12 -3.73 -6.56 -1.48
C ASP A 12 -2.53 -5.66 -1.81
N VAL A 13 -2.52 -5.07 -2.97
CA VAL A 13 -1.38 -4.18 -3.36
C VAL A 13 -1.36 -2.94 -2.45
N ILE A 14 -2.50 -2.37 -2.18
CA ILE A 14 -2.55 -1.17 -1.31
C ILE A 14 -2.13 -1.55 0.12
N PHE A 15 -2.35 -2.78 0.51
CA PHE A 15 -1.98 -3.21 1.89
C PHE A 15 -0.46 -3.14 2.04
N ILE A 16 0.27 -3.54 1.03
CA ILE A 16 1.76 -3.50 1.12
C ILE A 16 2.26 -2.05 0.96
N TYR A 17 1.49 -1.22 0.31
CA TYR A 17 1.92 0.21 0.11
C TYR A 17 2.04 0.92 1.47
N PHE A 18 1.12 0.65 2.37
CA PHE A 18 1.17 1.31 3.71
C PHE A 18 2.12 0.56 4.64
N ALA A 19 2.26 -0.73 4.43
CA ALA A 19 3.17 -1.55 5.31
C ALA A 19 4.58 -0.97 5.33
N ALA A 20 5.13 -0.69 4.18
CA ALA A 20 6.52 -0.15 4.09
C ALA A 20 6.72 1.06 5.00
N LEU A 21 5.85 2.01 4.91
CA LEU A 21 5.98 3.25 5.76
C LEU A 21 5.38 3.06 7.15
N SER A 22 4.70 1.98 7.40
CA SER A 22 4.08 1.74 8.75
C SER A 22 5.06 1.98 9.90
N PRO A 23 6.26 1.44 9.83
CA PRO A 23 7.33 1.58 10.88
C PRO A 23 7.96 2.96 10.83
N ALA A 24 8.54 3.31 9.71
CA ALA A 24 9.20 4.65 9.56
C ALA A 24 8.31 5.79 10.08
N ILE A 25 7.01 5.60 10.07
CA ILE A 25 6.08 6.66 10.57
C ILE A 25 6.32 6.88 12.07
N THR A 26 6.28 5.82 12.85
CA THR A 26 6.49 5.98 14.33
C THR A 26 7.97 6.27 14.61
N PHE A 27 8.83 5.31 14.36
CA PHE A 27 10.28 5.52 14.62
C PHE A 27 10.90 6.29 13.45
N GLY A 28 12.09 6.80 13.64
CA GLY A 28 12.76 7.56 12.55
C GLY A 28 12.44 9.06 12.69
N GLY A 29 13.40 9.85 13.10
CA GLY A 29 13.15 11.31 13.27
C GLY A 29 13.57 12.06 12.01
N LEU A 30 13.66 11.39 10.88
CA LEU A 30 14.06 12.08 9.62
C LEU A 30 12.80 12.59 8.91
N LEU A 31 12.53 13.86 9.01
CA LEU A 31 11.33 14.43 8.34
C LEU A 31 11.55 14.49 6.82
N GLY A 32 12.73 14.91 6.41
CA GLY A 32 13.03 14.99 4.95
C GLY A 32 13.86 13.77 4.54
N GLU A 33 13.50 13.16 3.44
CA GLU A 33 14.25 11.96 2.96
C GLU A 33 15.67 12.36 2.56
N LYS A 34 15.81 13.47 1.88
CA LYS A 34 17.15 13.93 1.45
C LYS A 34 17.76 14.83 2.52
C ACE A 1 -12.39 18.58 13.64
O ACE A 1 -11.90 18.97 14.68
CH3 ACE A 1 -12.45 19.49 12.40
H1 ACE A 1 -13.44 19.43 11.96
H2 ACE A 1 -11.71 19.16 11.68
H3 ACE A 1 -12.24 20.51 12.70
N ARG A 2 -12.89 17.38 13.52
CA ARG A 2 -12.88 16.45 14.69
C ARG A 2 -12.11 15.15 14.34
N TYR A 3 -11.78 14.94 13.09
CA TYR A 3 -11.04 13.69 12.70
C TYR A 3 -11.96 12.48 12.91
N PRO A 4 -13.03 12.41 12.14
CA PRO A 4 -14.08 11.34 12.17
C PRO A 4 -13.79 10.21 11.15
N TYR A 5 -14.10 10.43 9.89
CA TYR A 5 -13.89 9.38 8.86
C TYR A 5 -12.49 9.48 8.24
N TYR A 6 -11.80 10.57 8.46
CA TYR A 6 -10.43 10.74 7.87
C TYR A 6 -9.52 9.56 8.28
N LEU A 7 -9.85 8.88 9.36
CA LEU A 7 -9.01 7.73 9.81
C LEU A 7 -9.04 6.60 8.79
N SER A 8 -10.20 6.29 8.26
CA SER A 8 -10.32 5.18 7.27
C SER A 8 -9.41 5.42 6.07
N ASP A 9 -9.18 6.65 5.70
CA ASP A 9 -8.31 6.93 4.51
C ASP A 9 -6.88 6.45 4.76
N ILE A 10 -6.40 6.57 5.97
CA ILE A 10 -5.00 6.13 6.27
C ILE A 10 -4.90 4.60 6.17
N THR A 11 -5.85 3.90 6.74
CA THR A 11 -5.81 2.41 6.70
C THR A 11 -5.74 1.90 5.25
N ASP A 12 -6.49 2.50 4.37
CA ASP A 12 -6.47 2.07 2.94
C ASP A 12 -5.08 2.34 2.35
N VAL A 13 -4.41 3.35 2.83
CA VAL A 13 -3.05 3.67 2.31
C VAL A 13 -2.03 2.66 2.85
N ILE A 14 -2.29 2.10 4.00
CA ILE A 14 -1.34 1.10 4.58
C ILE A 14 -1.50 -0.24 3.85
N PHE A 15 -2.68 -0.54 3.38
CA PHE A 15 -2.90 -1.83 2.67
C PHE A 15 -2.18 -1.81 1.32
N ILE A 16 -2.23 -0.71 0.62
CA ILE A 16 -1.55 -0.63 -0.71
C ILE A 16 -0.03 -0.49 -0.52
N TYR A 17 0.41 -0.06 0.64
CA TYR A 17 1.89 0.09 0.88
C TYR A 17 2.56 -1.29 0.91
N PHE A 18 2.12 -2.15 1.78
CA PHE A 18 2.73 -3.52 1.89
C PHE A 18 2.39 -4.34 0.64
N ALA A 19 1.31 -4.03 -0.02
CA ALA A 19 0.91 -4.80 -1.24
C ALA A 19 1.92 -4.57 -2.37
N ALA A 20 2.16 -3.34 -2.71
CA ALA A 20 3.12 -3.01 -3.82
C ALA A 20 4.45 -3.74 -3.66
N LEU A 21 5.00 -3.70 -2.48
CA LEU A 21 6.33 -4.34 -2.25
C LEU A 21 6.18 -5.84 -1.96
N SER A 22 5.00 -6.32 -1.66
CA SER A 22 4.82 -7.78 -1.35
C SER A 22 5.45 -8.66 -2.46
N PRO A 23 5.09 -8.41 -3.70
CA PRO A 23 5.57 -9.15 -4.91
C PRO A 23 6.97 -8.69 -5.30
N ALA A 24 7.11 -7.42 -5.58
CA ALA A 24 8.43 -6.84 -5.99
C ALA A 24 9.57 -7.34 -5.09
N ILE A 25 9.27 -7.68 -3.86
CA ILE A 25 10.34 -8.15 -2.93
C ILE A 25 10.56 -9.67 -3.16
N THR A 26 9.51 -10.43 -3.22
CA THR A 26 9.66 -11.91 -3.43
C THR A 26 9.84 -12.20 -4.93
N PHE A 27 8.81 -12.01 -5.72
CA PHE A 27 8.91 -12.28 -7.18
C PHE A 27 9.76 -11.20 -7.85
N GLY A 28 9.19 -10.05 -8.11
CA GLY A 28 9.96 -8.95 -8.76
C GLY A 28 10.05 -9.20 -10.26
N GLY A 29 9.41 -8.38 -11.06
CA GLY A 29 9.47 -8.56 -12.54
C GLY A 29 8.27 -7.91 -13.21
N LEU A 30 7.08 -8.23 -12.77
CA LEU A 30 5.85 -7.64 -13.39
C LEU A 30 5.82 -6.12 -13.16
N LEU A 31 6.48 -5.64 -12.14
CA LEU A 31 6.47 -4.16 -11.87
C LEU A 31 7.02 -3.42 -13.09
N GLY A 32 8.22 -3.74 -13.51
CA GLY A 32 8.81 -3.06 -14.70
C GLY A 32 10.34 -2.94 -14.56
N GLU A 33 10.97 -3.94 -14.00
CA GLU A 33 12.46 -3.88 -13.85
C GLU A 33 13.12 -4.53 -15.07
N LYS A 34 12.75 -5.74 -15.38
CA LYS A 34 13.34 -6.46 -16.54
C LYS A 34 12.23 -7.07 -17.39
C ACE A 1 -6.97 21.47 16.65
O ACE A 1 -5.91 22.05 16.69
CH3 ACE A 1 -8.30 22.23 16.85
H1 ACE A 1 -8.58 22.69 15.92
H2 ACE A 1 -8.17 22.97 17.62
H3 ACE A 1 -9.06 21.53 17.15
N ARG A 2 -7.04 20.18 16.46
CA ARG A 2 -5.80 19.37 16.26
C ARG A 2 -6.13 18.09 15.51
N TYR A 3 -7.09 17.35 15.98
CA TYR A 3 -7.50 16.09 15.29
C TYR A 3 -6.27 15.16 15.11
N PRO A 4 -6.07 14.27 16.07
CA PRO A 4 -4.95 13.27 16.11
C PRO A 4 -5.32 11.99 15.36
N TYR A 5 -6.13 11.16 15.95
CA TYR A 5 -6.54 9.89 15.29
C TYR A 5 -7.29 10.20 13.99
N TYR A 6 -7.78 11.40 13.82
CA TYR A 6 -8.53 11.76 12.58
C TYR A 6 -7.62 11.64 11.36
N LEU A 7 -6.45 12.24 11.43
CA LEU A 7 -5.51 12.21 10.26
C LEU A 7 -4.72 10.89 10.24
N SER A 8 -4.20 10.48 11.37
CA SER A 8 -3.39 9.21 11.40
C SER A 8 -4.24 7.99 11.01
N ASP A 9 -5.54 8.13 10.97
CA ASP A 9 -6.41 6.97 10.60
C ASP A 9 -6.10 6.49 9.17
N ILE A 10 -6.59 7.21 8.18
CA ILE A 10 -6.34 6.80 6.76
C ILE A 10 -4.84 6.78 6.45
N THR A 11 -4.07 7.63 7.08
CA THR A 11 -2.60 7.66 6.80
C THR A 11 -1.96 6.28 7.08
N ASP A 12 -2.30 5.68 8.19
CA ASP A 12 -1.71 4.36 8.53
C ASP A 12 -2.21 3.30 7.54
N VAL A 13 -3.43 3.41 7.10
CA VAL A 13 -3.98 2.41 6.14
C VAL A 13 -3.31 2.58 4.77
N ILE A 14 -2.80 3.75 4.48
CA ILE A 14 -2.13 3.98 3.16
C ILE A 14 -0.76 3.29 3.15
N PHE A 15 -0.10 3.27 4.29
CA PHE A 15 1.24 2.63 4.35
C PHE A 15 1.12 1.12 4.10
N ILE A 16 0.26 0.46 4.84
CA ILE A 16 0.08 -1.01 4.65
C ILE A 16 -0.48 -1.28 3.25
N TYR A 17 -1.21 -0.35 2.70
CA TYR A 17 -1.79 -0.57 1.34
C TYR A 17 -0.67 -0.79 0.32
N PHE A 18 0.43 -0.09 0.48
CA PHE A 18 1.56 -0.26 -0.47
C PHE A 18 2.40 -1.49 -0.08
N ALA A 19 2.34 -1.91 1.15
CA ALA A 19 3.13 -3.10 1.61
C ALA A 19 2.60 -4.35 0.91
N ALA A 20 1.31 -4.53 0.95
CA ALA A 20 0.67 -5.74 0.30
C ALA A 20 1.16 -5.90 -1.14
N LEU A 21 1.12 -4.85 -1.89
CA LEU A 21 1.54 -4.91 -3.33
C LEU A 21 3.06 -4.76 -3.49
N SER A 22 3.77 -4.36 -2.46
CA SER A 22 5.24 -4.17 -2.57
C SER A 22 5.93 -5.43 -3.15
N PRO A 23 5.65 -6.59 -2.59
CA PRO A 23 6.22 -7.92 -3.02
C PRO A 23 5.57 -8.41 -4.31
N ALA A 24 4.29 -8.64 -4.28
CA ALA A 24 3.56 -9.14 -5.49
C ALA A 24 3.93 -8.34 -6.75
N ILE A 25 4.33 -7.11 -6.59
CA ILE A 25 4.69 -6.27 -7.77
C ILE A 25 6.20 -6.42 -8.07
N THR A 26 7.03 -6.45 -7.05
CA THR A 26 8.50 -6.58 -7.29
C THR A 26 8.81 -8.00 -7.78
N PHE A 27 8.63 -8.98 -6.94
CA PHE A 27 8.91 -10.40 -7.34
C PHE A 27 8.04 -10.78 -8.54
N GLY A 28 8.65 -10.97 -9.69
CA GLY A 28 7.87 -11.34 -10.91
C GLY A 28 8.59 -10.80 -12.15
N GLY A 29 8.28 -11.35 -13.30
CA GLY A 29 8.94 -10.88 -14.56
C GLY A 29 7.94 -10.91 -15.71
N LEU A 30 7.63 -12.09 -16.19
CA LEU A 30 6.65 -12.20 -17.32
C LEU A 30 5.22 -12.21 -16.77
N LEU A 31 4.43 -11.22 -17.14
CA LEU A 31 3.03 -11.15 -16.63
C LEU A 31 2.26 -12.38 -17.12
N GLY A 32 2.19 -12.58 -18.42
CA GLY A 32 1.45 -13.76 -18.96
C GLY A 32 2.32 -15.01 -18.83
N GLU A 33 1.73 -16.17 -18.92
CA GLU A 33 2.52 -17.44 -18.81
C GLU A 33 3.44 -17.57 -20.03
N LYS A 34 2.86 -17.55 -21.21
CA LYS A 34 3.69 -17.69 -22.44
C LYS A 34 4.11 -16.29 -22.91
C ACE A 1 -9.95 0.40 23.70
O ACE A 1 -9.33 -0.17 24.58
CH3 ACE A 1 -10.78 1.64 23.99
H1 ACE A 1 -11.37 1.48 24.88
H2 ACE A 1 -11.43 1.85 23.16
H3 ACE A 1 -10.12 2.48 24.15
N ARG A 2 -9.91 -0.03 22.45
CA ARG A 2 -9.12 -1.23 22.09
C ARG A 2 -8.23 -0.91 20.88
N TYR A 3 -8.83 -0.61 19.77
CA TYR A 3 -8.04 -0.29 18.55
C TYR A 3 -8.71 0.88 17.80
N PRO A 4 -8.72 2.04 18.41
CA PRO A 4 -9.30 3.31 17.86
C PRO A 4 -8.26 4.07 17.03
N TYR A 5 -7.34 4.75 17.67
CA TYR A 5 -6.30 5.51 16.93
C TYR A 5 -5.25 4.56 16.35
N TYR A 6 -5.08 3.41 16.96
CA TYR A 6 -4.07 2.44 16.46
C TYR A 6 -4.48 1.91 15.07
N LEU A 7 -5.75 1.97 14.75
CA LEU A 7 -6.22 1.47 13.41
C LEU A 7 -5.96 2.52 12.33
N SER A 8 -5.88 3.78 12.70
CA SER A 8 -5.63 4.85 11.69
C SER A 8 -4.28 4.62 11.01
N ASP A 9 -3.28 4.28 11.77
CA ASP A 9 -1.93 4.05 11.18
C ASP A 9 -1.96 2.83 10.26
N ILE A 10 -2.86 1.91 10.49
CA ILE A 10 -2.95 0.70 9.62
C ILE A 10 -3.34 1.11 8.20
N THR A 11 -4.39 1.89 8.07
CA THR A 11 -4.84 2.33 6.71
C THR A 11 -3.69 3.06 6.00
N ASP A 12 -2.93 3.85 6.72
CA ASP A 12 -1.78 4.57 6.09
C ASP A 12 -0.78 3.54 5.57
N VAL A 13 -0.62 2.45 6.27
CA VAL A 13 0.31 1.39 5.82
C VAL A 13 -0.16 0.83 4.48
N ILE A 14 -1.45 0.58 4.35
CA ILE A 14 -1.99 0.06 3.07
C ILE A 14 -2.26 1.22 2.09
N PHE A 15 -2.06 2.45 2.51
CA PHE A 15 -2.32 3.60 1.60
C PHE A 15 -1.07 3.85 0.74
N ILE A 16 0.10 3.69 1.31
CA ILE A 16 1.35 3.92 0.54
C ILE A 16 1.74 2.63 -0.18
N TYR A 17 1.54 1.51 0.45
CA TYR A 17 1.89 0.21 -0.19
C TYR A 17 1.00 -0.02 -1.41
N PHE A 18 -0.30 0.05 -1.21
CA PHE A 18 -1.24 -0.16 -2.34
C PHE A 18 -1.13 1.00 -3.34
N ALA A 19 -0.78 2.16 -2.87
CA ALA A 19 -0.66 3.34 -3.78
C ALA A 19 0.28 3.05 -4.94
N ALA A 20 1.45 2.58 -4.65
CA ALA A 20 2.46 2.30 -5.72
C ALA A 20 2.16 1.02 -6.51
N LEU A 21 2.04 -0.09 -5.83
CA LEU A 21 1.81 -1.39 -6.55
C LEU A 21 0.44 -1.45 -7.25
N SER A 22 -0.63 -1.11 -6.57
CA SER A 22 -2.02 -1.18 -7.18
C SER A 22 -2.07 -0.75 -8.66
N PRO A 23 -1.55 0.43 -8.97
CA PRO A 23 -1.52 0.99 -10.37
C PRO A 23 -0.61 0.16 -11.26
N ALA A 24 0.62 0.02 -10.86
CA ALA A 24 1.61 -0.77 -11.66
C ALA A 24 1.02 -2.12 -12.10
N ILE A 25 0.10 -2.66 -11.35
CA ILE A 25 -0.51 -3.97 -11.72
C ILE A 25 -1.29 -3.80 -13.03
N THR A 26 -2.34 -3.01 -13.01
CA THR A 26 -3.13 -2.79 -14.25
C THR A 26 -2.43 -1.74 -15.11
N PHE A 27 -2.34 -0.53 -14.63
CA PHE A 27 -1.67 0.55 -15.41
C PHE A 27 -0.16 0.32 -15.41
N GLY A 28 0.44 0.26 -16.57
CA GLY A 28 1.91 0.04 -16.65
C GLY A 28 2.21 -1.45 -16.85
N GLY A 29 3.46 -1.82 -16.79
CA GLY A 29 3.82 -3.26 -16.98
C GLY A 29 4.88 -3.38 -18.08
N LEU A 30 5.87 -2.51 -18.07
CA LEU A 30 6.93 -2.57 -19.11
C LEU A 30 8.06 -3.48 -18.65
N LEU A 31 9.08 -3.64 -19.45
CA LEU A 31 10.24 -4.50 -19.07
C LEU A 31 11.00 -3.85 -17.92
N GLY A 32 10.97 -2.55 -17.83
CA GLY A 32 11.69 -1.83 -16.73
C GLY A 32 11.21 -2.34 -15.37
N GLU A 33 12.06 -3.05 -14.66
CA GLU A 33 11.67 -3.58 -13.31
C GLU A 33 11.17 -2.45 -12.42
N LYS A 34 11.91 -1.37 -12.32
CA LYS A 34 11.47 -0.24 -11.46
C LYS A 34 10.77 0.82 -12.33
C ACE A 1 7.78 20.17 5.16
O ACE A 1 8.20 21.32 5.09
CH3 ACE A 1 7.75 19.43 6.50
H1 ACE A 1 7.44 18.41 6.33
H2 ACE A 1 7.06 19.92 7.17
H3 ACE A 1 8.75 19.44 6.93
N ARG A 2 7.36 19.53 4.11
CA ARG A 2 7.36 20.20 2.76
C ARG A 2 6.02 19.96 2.05
N TYR A 3 5.45 18.79 2.20
CA TYR A 3 4.15 18.49 1.53
C TYR A 3 3.43 17.38 2.30
N PRO A 4 2.74 17.76 3.35
CA PRO A 4 1.95 16.84 4.25
C PRO A 4 0.60 16.49 3.61
N TYR A 5 -0.26 17.46 3.47
CA TYR A 5 -1.60 17.21 2.86
C TYR A 5 -1.45 16.72 1.41
N TYR A 6 -0.36 17.06 0.76
CA TYR A 6 -0.18 16.65 -0.66
C TYR A 6 0.30 15.20 -0.77
N LEU A 7 1.51 14.92 -0.35
CA LEU A 7 2.05 13.53 -0.44
C LEU A 7 1.20 12.57 0.40
N SER A 8 0.48 13.07 1.36
CA SER A 8 -0.37 12.20 2.23
C SER A 8 -1.36 11.39 1.39
N ASP A 9 -1.74 11.90 0.24
CA ASP A 9 -2.71 11.17 -0.62
C ASP A 9 -2.09 9.85 -1.09
N ILE A 10 -0.96 9.92 -1.76
CA ILE A 10 -0.29 8.68 -2.25
C ILE A 10 0.15 7.82 -1.05
N THR A 11 0.26 8.40 0.13
CA THR A 11 0.69 7.61 1.32
C THR A 11 -0.45 6.71 1.80
N ASP A 12 -1.66 7.21 1.76
CA ASP A 12 -2.83 6.40 2.22
C ASP A 12 -3.03 5.22 1.26
N VAL A 13 -2.89 5.46 -0.01
CA VAL A 13 -3.06 4.37 -1.01
C VAL A 13 -1.98 3.30 -0.79
N ILE A 14 -0.75 3.71 -0.66
CA ILE A 14 0.36 2.73 -0.42
C ILE A 14 0.23 2.12 0.98
N PHE A 15 -0.54 2.74 1.86
CA PHE A 15 -0.70 2.19 3.23
C PHE A 15 -1.47 0.87 3.19
N ILE A 16 -2.61 0.86 2.54
CA ILE A 16 -3.42 -0.39 2.46
C ILE A 16 -2.83 -1.33 1.42
N TYR A 17 -2.09 -0.81 0.47
CA TYR A 17 -1.50 -1.68 -0.59
C TYR A 17 -0.43 -2.59 0.03
N PHE A 18 0.36 -2.08 0.93
CA PHE A 18 1.42 -2.91 1.57
C PHE A 18 0.83 -3.69 2.75
N ALA A 19 -0.15 -3.12 3.41
CA ALA A 19 -0.78 -3.81 4.58
C ALA A 19 -1.39 -5.15 4.14
N ALA A 20 -2.24 -5.11 3.16
CA ALA A 20 -2.91 -6.36 2.67
C ALA A 20 -1.87 -7.40 2.23
N LEU A 21 -0.92 -6.99 1.46
CA LEU A 21 0.11 -7.94 0.93
C LEU A 21 1.08 -8.41 2.02
N SER A 22 1.15 -7.71 3.13
CA SER A 22 2.10 -8.12 4.22
C SER A 22 1.79 -9.54 4.73
N PRO A 23 0.58 -9.77 5.19
CA PRO A 23 0.10 -11.08 5.76
C PRO A 23 -0.05 -12.12 4.65
N ALA A 24 -0.84 -11.82 3.67
CA ALA A 24 -1.08 -12.78 2.53
C ALA A 24 0.24 -13.37 2.02
N ILE A 25 1.32 -12.64 2.16
CA ILE A 25 2.65 -13.16 1.68
C ILE A 25 3.21 -14.12 2.73
N THR A 26 3.11 -13.78 4.00
CA THR A 26 3.65 -14.66 5.07
C THR A 26 2.95 -16.03 5.02
N PHE A 27 1.71 -16.06 4.59
CA PHE A 27 0.97 -17.35 4.52
C PHE A 27 1.56 -18.24 3.42
N GLY A 28 1.03 -19.41 3.25
CA GLY A 28 1.56 -20.34 2.20
C GLY A 28 1.37 -19.71 0.81
N GLY A 29 0.18 -19.26 0.52
CA GLY A 29 -0.07 -18.63 -0.81
C GLY A 29 -1.53 -18.85 -1.20
N LEU A 30 -2.41 -17.99 -0.76
CA LEU A 30 -3.86 -18.15 -1.10
C LEU A 30 -4.14 -17.48 -2.45
N LEU A 31 -5.20 -17.87 -3.12
CA LEU A 31 -5.52 -17.26 -4.44
C LEU A 31 -6.32 -15.96 -4.23
N GLY A 32 -7.40 -16.04 -3.51
CA GLY A 32 -8.23 -14.82 -3.26
C GLY A 32 -7.43 -13.84 -2.41
N GLU A 33 -7.18 -12.66 -2.93
CA GLU A 33 -6.40 -11.65 -2.15
C GLU A 33 -7.21 -11.23 -0.92
N LYS A 34 -8.50 -11.09 -1.07
CA LYS A 34 -9.35 -10.69 0.09
C LYS A 34 -9.66 -11.92 0.95
C ACE A 1 -1.92 -0.88 25.24
O ACE A 1 -1.81 0.29 25.54
CH3 ACE A 1 -1.08 -1.95 25.92
H1 ACE A 1 -0.71 -2.64 25.18
H2 ACE A 1 -1.68 -2.48 26.63
H3 ACE A 1 -0.25 -1.49 26.43
N ARG A 2 -2.77 -1.27 24.31
CA ARG A 2 -3.62 -0.29 23.58
C ARG A 2 -2.75 0.52 22.63
N TYR A 3 -3.00 0.37 21.37
CA TYR A 3 -2.22 1.11 20.35
C TYR A 3 -2.95 1.04 19.00
N PRO A 4 -4.06 1.76 18.91
CA PRO A 4 -4.94 1.85 17.69
C PRO A 4 -4.46 2.97 16.77
N TYR A 5 -4.51 4.18 17.24
CA TYR A 5 -4.06 5.36 16.43
C TYR A 5 -2.66 5.12 15.84
N TYR A 6 -1.87 4.27 16.46
CA TYR A 6 -0.50 4.01 15.94
C TYR A 6 -0.55 2.96 14.84
N LEU A 7 -1.40 1.97 14.98
CA LEU A 7 -1.51 0.91 13.93
C LEU A 7 -2.27 1.46 12.71
N SER A 8 -2.97 2.55 12.85
CA SER A 8 -3.72 3.13 11.70
C SER A 8 -2.75 3.53 10.59
N ASP A 9 -1.52 3.81 10.93
CA ASP A 9 -0.52 4.23 9.90
C ASP A 9 -0.33 3.09 8.88
N ILE A 10 -0.19 1.88 9.35
CA ILE A 10 -0.01 0.72 8.41
C ILE A 10 -1.30 0.52 7.61
N THR A 11 -2.43 0.78 8.22
CA THR A 11 -3.73 0.61 7.48
C THR A 11 -3.77 1.60 6.32
N ASP A 12 -3.16 2.75 6.47
CA ASP A 12 -3.15 3.74 5.36
C ASP A 12 -2.33 3.17 4.22
N VAL A 13 -1.26 2.48 4.53
CA VAL A 13 -0.41 1.87 3.48
C VAL A 13 -1.22 0.79 2.73
N ILE A 14 -2.22 0.24 3.38
CA ILE A 14 -3.06 -0.81 2.72
C ILE A 14 -3.95 -0.14 1.67
N PHE A 15 -4.55 0.98 2.01
CA PHE A 15 -5.43 1.68 1.04
C PHE A 15 -4.61 2.13 -0.17
N ILE A 16 -3.42 2.60 0.05
CA ILE A 16 -2.57 3.06 -1.10
C ILE A 16 -2.02 1.84 -1.85
N TYR A 17 -1.94 0.71 -1.20
CA TYR A 17 -1.41 -0.52 -1.87
C TYR A 17 -2.36 -0.92 -3.01
N PHE A 18 -3.64 -0.76 -2.81
CA PHE A 18 -4.63 -1.12 -3.87
C PHE A 18 -4.80 0.03 -4.86
N ALA A 19 -4.72 1.24 -4.37
CA ALA A 19 -4.91 2.43 -5.25
C ALA A 19 -3.86 2.47 -6.35
N ALA A 20 -2.60 2.52 -5.98
CA ALA A 20 -1.50 2.62 -6.98
C ALA A 20 -1.42 1.35 -7.86
N LEU A 21 -1.32 0.22 -7.24
CA LEU A 21 -1.19 -1.06 -8.00
C LEU A 21 -2.48 -1.45 -8.73
N SER A 22 -3.59 -0.81 -8.43
CA SER A 22 -4.87 -1.19 -9.12
C SER A 22 -4.74 -1.00 -10.64
N PRO A 23 -4.50 0.22 -11.07
CA PRO A 23 -4.35 0.61 -12.53
C PRO A 23 -3.04 0.08 -13.10
N ALA A 24 -1.95 0.47 -12.51
CA ALA A 24 -0.59 0.05 -13.00
C ALA A 24 -0.55 -1.45 -13.30
N ILE A 25 -1.35 -2.24 -12.63
CA ILE A 25 -1.35 -3.71 -12.89
C ILE A 25 -1.88 -3.96 -14.31
N THR A 26 -3.01 -3.40 -14.65
CA THR A 26 -3.58 -3.61 -16.01
C THR A 26 -2.72 -2.89 -17.05
N PHE A 27 -2.70 -1.58 -17.01
CA PHE A 27 -1.88 -0.81 -17.99
C PHE A 27 -0.42 -0.78 -17.55
N GLY A 28 0.43 -1.52 -18.23
CA GLY A 28 1.88 -1.55 -17.86
C GLY A 28 2.03 -2.08 -16.43
N GLY A 29 2.88 -1.46 -15.65
CA GLY A 29 3.09 -1.92 -14.24
C GLY A 29 4.57 -2.18 -13.98
N LEU A 30 5.38 -2.29 -15.02
CA LEU A 30 6.83 -2.55 -14.81
C LEU A 30 7.59 -1.22 -14.70
N LEU A 31 7.11 -0.33 -13.86
CA LEU A 31 7.79 0.98 -13.69
C LEU A 31 8.83 0.87 -12.57
N GLY A 32 8.37 0.78 -11.34
CA GLY A 32 9.33 0.66 -10.20
C GLY A 32 8.97 -0.58 -9.37
N GLU A 33 9.43 -1.73 -9.79
CA GLU A 33 9.12 -2.99 -9.05
C GLU A 33 9.71 -2.91 -7.64
N LYS A 34 10.79 -2.17 -7.48
CA LYS A 34 11.42 -2.05 -6.14
C LYS A 34 11.68 -0.58 -5.83
C ACE A 1 -11.96 15.00 18.70
O ACE A 1 -13.10 14.99 18.32
CH3 ACE A 1 -11.58 14.47 20.08
H1 ACE A 1 -12.47 14.19 20.62
H2 ACE A 1 -11.07 15.25 20.64
H3 ACE A 1 -10.93 13.62 19.99
N ARG A 2 -10.99 15.46 17.94
CA ARG A 2 -11.27 15.99 16.59
C ARG A 2 -11.33 14.82 15.58
N TYR A 3 -10.22 14.43 15.02
CA TYR A 3 -10.22 13.30 14.04
C TYR A 3 -8.78 12.79 13.84
N PRO A 4 -8.17 12.31 14.91
CA PRO A 4 -6.78 11.75 14.95
C PRO A 4 -6.73 10.31 14.42
N TYR A 5 -7.15 9.37 15.22
CA TYR A 5 -7.11 7.93 14.78
C TYR A 5 -8.16 7.69 13.69
N TYR A 6 -9.29 8.33 13.77
CA TYR A 6 -10.34 8.13 12.73
C TYR A 6 -9.83 8.54 11.35
N LEU A 7 -8.92 9.48 11.31
CA LEU A 7 -8.38 9.92 9.99
C LEU A 7 -7.15 9.09 9.62
N SER A 8 -6.44 8.60 10.60
CA SER A 8 -5.22 7.79 10.33
C SER A 8 -5.60 6.50 9.57
N ASP A 9 -6.85 6.11 9.60
CA ASP A 9 -7.28 4.87 8.88
C ASP A 9 -7.19 5.10 7.38
N ILE A 10 -7.53 6.29 6.92
CA ILE A 10 -7.48 6.57 5.45
C ILE A 10 -6.02 6.71 5.01
N THR A 11 -5.27 7.57 5.64
CA THR A 11 -3.84 7.76 5.25
C THR A 11 -3.08 6.43 5.36
N ASP A 12 -3.52 5.56 6.25
CA ASP A 12 -2.84 4.24 6.42
C ASP A 12 -3.20 3.34 5.24
N VAL A 13 -4.41 3.47 4.73
CA VAL A 13 -4.84 2.63 3.58
C VAL A 13 -4.11 3.09 2.31
N ILE A 14 -3.71 4.33 2.25
CA ILE A 14 -2.99 4.84 1.05
C ILE A 14 -1.51 4.48 1.14
N PHE A 15 -0.97 4.50 2.33
CA PHE A 15 0.48 4.17 2.52
C PHE A 15 0.73 2.70 2.16
N ILE A 16 -0.15 1.82 2.59
CA ILE A 16 0.03 0.38 2.29
C ILE A 16 -0.41 0.07 0.86
N TYR A 17 -1.23 0.92 0.27
CA TYR A 17 -1.70 0.67 -1.12
C TYR A 17 -0.51 0.69 -2.09
N PHE A 18 0.33 1.70 -1.99
CA PHE A 18 1.50 1.80 -2.91
C PHE A 18 2.69 1.02 -2.34
N ALA A 19 2.76 0.88 -1.04
CA ALA A 19 3.90 0.15 -0.40
C ALA A 19 3.93 -1.31 -0.88
N ALA A 20 2.83 -2.00 -0.77
CA ALA A 20 2.76 -3.44 -1.18
C ALA A 20 3.30 -3.63 -2.60
N LEU A 21 2.81 -2.87 -3.53
CA LEU A 21 3.23 -3.02 -4.95
C LEU A 21 4.55 -2.28 -5.24
N SER A 22 5.04 -1.49 -4.32
CA SER A 22 6.30 -0.73 -4.55
C SER A 22 7.47 -1.67 -4.87
N PRO A 23 7.70 -2.65 -4.03
CA PRO A 23 8.82 -3.67 -4.17
C PRO A 23 8.50 -4.67 -5.27
N ALA A 24 7.43 -5.39 -5.12
CA ALA A 24 7.02 -6.43 -6.13
C ALA A 24 7.10 -5.86 -7.57
N ILE A 25 6.92 -4.58 -7.73
CA ILE A 25 6.97 -3.97 -9.09
C ILE A 25 8.40 -3.53 -9.44
N THR A 26 9.10 -2.91 -8.52
CA THR A 26 10.49 -2.45 -8.82
C THR A 26 11.39 -3.64 -9.13
N PHE A 27 11.56 -4.53 -8.18
CA PHE A 27 12.43 -5.72 -8.41
C PHE A 27 11.78 -6.65 -9.44
N GLY A 28 12.06 -6.46 -10.70
CA GLY A 28 11.45 -7.33 -11.75
C GLY A 28 12.19 -8.67 -11.79
N GLY A 29 11.45 -9.76 -11.77
CA GLY A 29 12.09 -11.10 -11.81
C GLY A 29 11.06 -12.17 -11.45
N LEU A 30 10.15 -12.47 -12.34
CA LEU A 30 9.12 -13.51 -12.05
C LEU A 30 9.77 -14.89 -12.09
N LEU A 31 9.66 -15.64 -11.01
CA LEU A 31 10.27 -16.99 -10.97
C LEU A 31 9.46 -17.96 -11.84
N GLY A 32 8.17 -17.74 -11.95
CA GLY A 32 7.33 -18.64 -12.78
C GLY A 32 5.93 -18.03 -12.95
N GLU A 33 5.30 -18.27 -14.07
CA GLU A 33 3.95 -17.71 -14.30
C GLU A 33 2.92 -18.47 -13.46
N LYS A 34 2.97 -19.78 -13.50
CA LYS A 34 2.02 -20.59 -12.69
C LYS A 34 2.49 -20.66 -11.24
C ACE A 1 -17.90 -0.38 11.08
O ACE A 1 -18.99 -0.71 10.67
CH3 ACE A 1 -16.62 -0.98 10.50
H1 ACE A 1 -16.64 -2.05 10.62
H2 ACE A 1 -15.77 -0.58 11.02
H3 ACE A 1 -16.55 -0.73 9.45
N ARG A 2 -17.77 0.52 12.03
CA ARG A 2 -18.97 1.15 12.64
C ARG A 2 -19.54 2.19 11.67
N TYR A 3 -18.71 3.08 11.19
CA TYR A 3 -19.20 4.12 10.23
C TYR A 3 -18.03 5.07 9.86
N PRO A 4 -17.36 5.61 10.85
CA PRO A 4 -16.21 6.56 10.71
C PRO A 4 -14.89 5.80 10.61
N TYR A 5 -14.48 5.17 11.68
CA TYR A 5 -13.20 4.40 11.70
C TYR A 5 -13.09 3.49 10.46
N TYR A 6 -14.20 3.08 9.91
CA TYR A 6 -14.16 2.19 8.71
C TYR A 6 -13.44 2.89 7.55
N LEU A 7 -13.95 4.02 7.13
CA LEU A 7 -13.34 4.75 5.98
C LEU A 7 -11.88 5.12 6.31
N SER A 8 -11.57 5.32 7.57
CA SER A 8 -10.18 5.69 7.95
C SER A 8 -9.25 4.50 7.72
N ASP A 9 -9.75 3.31 7.88
CA ASP A 9 -8.90 2.10 7.71
C ASP A 9 -8.64 1.84 6.21
N ILE A 10 -9.64 1.99 5.37
CA ILE A 10 -9.44 1.74 3.91
C ILE A 10 -8.43 2.75 3.36
N THR A 11 -8.46 3.97 3.83
CA THR A 11 -7.50 5.00 3.32
C THR A 11 -6.09 4.66 3.81
N ASP A 12 -5.98 4.03 4.95
CA ASP A 12 -4.63 3.67 5.49
C ASP A 12 -4.07 2.47 4.72
N VAL A 13 -4.93 1.60 4.23
CA VAL A 13 -4.45 0.42 3.47
C VAL A 13 -4.01 0.85 2.07
N ILE A 14 -4.62 1.88 1.55
CA ILE A 14 -4.24 2.37 0.19
C ILE A 14 -2.89 3.11 0.29
N PHE A 15 -2.68 3.82 1.36
CA PHE A 15 -1.40 4.56 1.54
C PHE A 15 -0.24 3.56 1.60
N ILE A 16 -0.42 2.48 2.32
CA ILE A 16 0.65 1.45 2.43
C ILE A 16 0.73 0.64 1.13
N TYR A 17 -0.35 0.59 0.37
CA TYR A 17 -0.35 -0.18 -0.90
C TYR A 17 0.71 0.38 -1.85
N PHE A 18 0.80 1.69 -1.95
CA PHE A 18 1.81 2.30 -2.86
C PHE A 18 3.13 2.52 -2.11
N ALA A 19 3.07 2.70 -0.82
CA ALA A 19 4.32 2.91 -0.02
C ALA A 19 5.29 1.75 -0.23
N ALA A 20 4.82 0.55 -0.01
CA ALA A 20 5.68 -0.65 -0.16
C ALA A 20 6.26 -0.73 -1.58
N LEU A 21 5.43 -0.60 -2.56
CA LEU A 21 5.88 -0.69 -3.99
C LEU A 21 6.51 0.62 -4.47
N SER A 22 6.56 1.64 -3.67
CA SER A 22 7.16 2.95 -4.10
C SER A 22 8.52 2.78 -4.81
N PRO A 23 9.41 2.00 -4.23
CA PRO A 23 10.80 1.72 -4.77
C PRO A 23 10.77 0.70 -5.89
N ALA A 24 10.31 -0.49 -5.59
CA ALA A 24 10.25 -1.58 -6.61
C ALA A 24 9.63 -1.10 -7.94
N ILE A 25 8.77 -0.11 -7.88
CA ILE A 25 8.13 0.41 -9.12
C ILE A 25 9.15 1.26 -9.91
N THR A 26 9.89 2.10 -9.23
CA THR A 26 10.91 2.95 -9.93
C THR A 26 11.83 2.06 -10.78
N PHE A 27 12.38 1.04 -10.17
CA PHE A 27 13.27 0.11 -10.93
C PHE A 27 12.43 -1.01 -11.53
N GLY A 28 12.30 -1.04 -12.83
CA GLY A 28 11.49 -2.10 -13.50
C GLY A 28 12.37 -3.30 -13.82
N GLY A 29 13.08 -3.80 -12.85
CA GLY A 29 13.97 -4.98 -13.09
C GLY A 29 14.32 -5.64 -11.76
N LEU A 30 15.17 -5.02 -10.98
CA LEU A 30 15.57 -5.60 -9.67
C LEU A 30 14.49 -5.29 -8.62
N LEU A 31 13.55 -6.17 -8.45
CA LEU A 31 12.46 -5.93 -7.46
C LEU A 31 13.06 -5.89 -6.05
N GLY A 32 14.03 -6.72 -5.78
CA GLY A 32 14.67 -6.73 -4.44
C GLY A 32 14.91 -8.18 -4.00
N GLU A 33 16.16 -8.57 -3.90
CA GLU A 33 16.47 -9.97 -3.47
C GLU A 33 16.20 -10.12 -1.98
N LYS A 34 16.79 -9.28 -1.18
CA LYS A 34 16.57 -9.36 0.30
C LYS A 34 16.13 -8.00 0.82
C ACE A 1 -7.07 21.37 8.81
O ACE A 1 -6.13 22.07 8.48
CH3 ACE A 1 -8.24 21.13 7.86
H1 ACE A 1 -9.18 21.29 8.37
H2 ACE A 1 -8.21 20.11 7.49
H3 ACE A 1 -8.17 21.80 7.02
N ARG A 2 -7.13 20.79 9.99
CA ARG A 2 -6.02 20.99 10.97
C ARG A 2 -4.75 20.28 10.47
N TYR A 3 -4.91 19.12 9.88
CA TYR A 3 -3.73 18.37 9.37
C TYR A 3 -4.23 17.36 8.31
N PRO A 4 -4.61 17.88 7.15
CA PRO A 4 -5.14 17.10 5.99
C PRO A 4 -4.03 16.68 5.03
N TYR A 5 -3.39 17.64 4.42
CA TYR A 5 -2.29 17.32 3.44
C TYR A 5 -1.18 16.47 4.07
N TYR A 6 -1.05 16.50 5.37
CA TYR A 6 0.04 15.70 6.03
C TYR A 6 -0.41 14.25 6.22
N LEU A 7 -1.44 14.04 6.97
CA LEU A 7 -1.95 12.65 7.21
C LEU A 7 -2.56 12.07 5.92
N SER A 8 -2.74 12.87 4.90
CA SER A 8 -3.33 12.37 3.63
C SER A 8 -2.25 11.67 2.80
N ASP A 9 -1.02 12.11 2.94
CA ASP A 9 0.08 11.47 2.16
C ASP A 9 0.31 10.04 2.65
N ILE A 10 0.23 9.82 3.93
CA ILE A 10 0.46 8.45 4.47
C ILE A 10 -0.74 7.55 4.11
N THR A 11 -1.94 8.07 4.23
CA THR A 11 -3.15 7.27 3.89
C THR A 11 -3.10 6.86 2.42
N ASP A 12 -2.55 7.71 1.58
CA ASP A 12 -2.46 7.38 0.13
C ASP A 12 -1.45 6.24 -0.05
N VAL A 13 -0.42 6.21 0.76
CA VAL A 13 0.59 5.13 0.65
C VAL A 13 -0.05 3.80 1.10
N ILE A 14 -1.03 3.86 1.97
CA ILE A 14 -1.69 2.61 2.43
C ILE A 14 -2.60 2.09 1.32
N PHE A 15 -3.19 2.97 0.56
CA PHE A 15 -4.09 2.54 -0.55
C PHE A 15 -3.27 1.86 -1.65
N ILE A 16 -2.11 2.41 -1.96
CA ILE A 16 -1.25 1.81 -3.02
C ILE A 16 -0.64 0.51 -2.50
N TYR A 17 -0.37 0.43 -1.23
CA TYR A 17 0.24 -0.81 -0.65
C TYR A 17 -0.73 -1.99 -0.85
N PHE A 18 -1.98 -1.78 -0.56
CA PHE A 18 -3.00 -2.85 -0.73
C PHE A 18 -3.13 -3.19 -2.21
N ALA A 19 -3.05 -2.19 -3.05
CA ALA A 19 -3.17 -2.40 -4.52
C ALA A 19 -2.17 -3.45 -5.01
N ALA A 20 -0.92 -3.24 -4.72
CA ALA A 20 0.15 -4.19 -5.15
C ALA A 20 -0.09 -5.57 -4.52
N LEU A 21 -0.39 -5.59 -3.26
CA LEU A 21 -0.62 -6.88 -2.55
C LEU A 21 -1.95 -7.53 -2.96
N SER A 22 -2.80 -6.81 -3.67
CA SER A 22 -4.13 -7.40 -4.07
C SER A 22 -3.91 -8.59 -5.03
N PRO A 23 -3.28 -8.34 -6.16
CA PRO A 23 -2.99 -9.36 -7.23
C PRO A 23 -1.92 -10.34 -6.76
N ALA A 24 -0.78 -9.82 -6.39
CA ALA A 24 0.36 -10.69 -5.91
C ALA A 24 -0.12 -11.75 -4.92
N ILE A 25 -1.17 -11.47 -4.19
CA ILE A 25 -1.71 -12.46 -3.20
C ILE A 25 -2.13 -13.74 -3.96
N THR A 26 -2.97 -13.60 -4.95
CA THR A 26 -3.43 -14.80 -5.73
C THR A 26 -2.40 -15.15 -6.80
N PHE A 27 -2.20 -14.28 -7.75
CA PHE A 27 -1.21 -14.55 -8.84
C PHE A 27 0.19 -14.75 -8.24
N GLY A 28 0.94 -13.69 -8.05
CA GLY A 28 2.32 -13.81 -7.46
C GLY A 28 3.13 -14.87 -8.21
N GLY A 29 3.36 -15.99 -7.59
CA GLY A 29 4.15 -17.08 -8.23
C GLY A 29 4.56 -18.09 -7.16
N LEU A 30 5.38 -17.68 -6.23
CA LEU A 30 5.81 -18.61 -5.14
C LEU A 30 4.78 -18.58 -4.01
N LEU A 31 5.00 -19.35 -2.99
CA LEU A 31 4.03 -19.37 -1.85
C LEU A 31 4.43 -18.33 -0.80
N GLY A 32 5.66 -18.36 -0.35
CA GLY A 32 6.12 -17.39 0.67
C GLY A 32 7.44 -16.73 0.22
N GLU A 33 7.37 -15.51 -0.24
CA GLU A 33 8.61 -14.81 -0.69
C GLU A 33 9.51 -14.53 0.52
N LYS A 34 8.95 -13.98 1.57
CA LYS A 34 9.76 -13.68 2.78
C LYS A 34 9.95 -14.95 3.61
C ACE A 1 -8.96 16.76 18.79
O ACE A 1 -9.08 17.02 19.97
CH3 ACE A 1 -8.72 17.86 17.75
H1 ACE A 1 -8.07 17.48 16.98
H2 ACE A 1 -8.26 18.71 18.23
H3 ACE A 1 -9.67 18.16 17.31
N ARG A 2 -9.06 15.53 18.35
CA ARG A 2 -9.30 14.41 19.30
C ARG A 2 -8.30 13.28 19.02
N TYR A 3 -8.28 12.79 17.81
CA TYR A 3 -7.35 11.69 17.45
C TYR A 3 -6.88 11.88 15.99
N PRO A 4 -5.98 12.82 15.78
CA PRO A 4 -5.38 13.19 14.45
C PRO A 4 -4.27 12.23 14.07
N TYR A 5 -3.34 12.04 14.97
CA TYR A 5 -2.18 11.13 14.72
C TYR A 5 -2.65 9.75 14.19
N TYR A 6 -3.87 9.37 14.46
CA TYR A 6 -4.37 8.05 13.98
C TYR A 6 -4.70 8.11 12.49
N LEU A 7 -5.27 9.19 12.05
CA LEU A 7 -5.64 9.34 10.61
C LEU A 7 -4.41 9.13 9.71
N SER A 8 -3.36 9.87 9.93
CA SER A 8 -2.13 9.75 9.07
C SER A 8 -1.58 8.32 9.10
N ASP A 9 -1.92 7.54 10.09
CA ASP A 9 -1.37 6.15 10.17
C ASP A 9 -1.90 5.29 9.02
N ILE A 10 -3.19 5.17 8.90
CA ILE A 10 -3.78 4.33 7.81
C ILE A 10 -3.35 4.86 6.45
N THR A 11 -3.42 6.14 6.26
CA THR A 11 -3.03 6.75 4.95
C THR A 11 -1.57 6.42 4.64
N ASP A 12 -0.74 6.33 5.64
CA ASP A 12 0.70 5.98 5.40
C ASP A 12 0.80 4.52 4.96
N VAL A 13 -0.02 3.68 5.51
CA VAL A 13 0.01 2.24 5.14
C VAL A 13 -0.48 2.06 3.70
N ILE A 14 -1.26 2.98 3.19
CA ILE A 14 -1.78 2.86 1.79
C ILE A 14 -0.73 3.38 0.79
N PHE A 15 0.09 4.32 1.19
CA PHE A 15 1.12 4.87 0.26
C PHE A 15 2.25 3.85 0.08
N ILE A 16 2.66 3.23 1.16
CA ILE A 16 3.78 2.24 1.08
C ILE A 16 3.27 0.94 0.44
N TYR A 17 2.01 0.63 0.59
CA TYR A 17 1.48 -0.64 -0.01
C TYR A 17 1.58 -0.56 -1.54
N PHE A 18 0.99 0.44 -2.14
CA PHE A 18 1.04 0.58 -3.62
C PHE A 18 2.50 0.70 -4.08
N ALA A 19 3.35 1.25 -3.26
CA ALA A 19 4.78 1.40 -3.63
C ALA A 19 5.41 0.03 -3.90
N ALA A 20 5.36 -0.84 -2.92
CA ALA A 20 5.97 -2.20 -3.08
C ALA A 20 5.35 -2.93 -4.28
N LEU A 21 4.05 -3.03 -4.31
CA LEU A 21 3.36 -3.75 -5.43
C LEU A 21 3.25 -2.87 -6.69
N SER A 22 3.77 -1.68 -6.66
CA SER A 22 3.67 -0.76 -7.86
C SER A 22 4.11 -1.47 -9.16
N PRO A 23 5.21 -2.18 -9.15
CA PRO A 23 5.78 -2.92 -10.35
C PRO A 23 5.02 -4.21 -10.59
N ALA A 24 5.00 -5.07 -9.60
CA ALA A 24 4.31 -6.40 -9.72
C ALA A 24 2.90 -6.24 -10.31
N ILE A 25 2.27 -5.12 -10.09
CA ILE A 25 0.90 -4.89 -10.62
C ILE A 25 1.00 -4.40 -12.08
N THR A 26 1.96 -3.56 -12.37
CA THR A 26 2.11 -3.05 -13.77
C THR A 26 2.37 -4.21 -14.74
N PHE A 27 2.97 -5.28 -14.26
CA PHE A 27 3.24 -6.44 -15.15
C PHE A 27 1.91 -7.00 -15.67
N GLY A 28 1.96 -7.91 -16.61
CA GLY A 28 0.71 -8.50 -17.16
C GLY A 28 0.12 -9.50 -16.16
N GLY A 29 0.13 -10.76 -16.50
CA GLY A 29 -0.42 -11.79 -15.56
C GLY A 29 0.39 -13.08 -15.68
N LEU A 30 1.67 -12.97 -15.89
CA LEU A 30 2.53 -14.19 -16.02
C LEU A 30 2.89 -14.69 -14.61
N LEU A 31 3.44 -13.83 -13.79
CA LEU A 31 3.83 -14.24 -12.41
C LEU A 31 2.58 -14.44 -11.56
N GLY A 32 1.56 -13.65 -11.80
CA GLY A 32 0.30 -13.78 -11.00
C GLY A 32 0.45 -13.06 -9.67
N GLU A 33 -0.63 -12.90 -8.94
CA GLU A 33 -0.54 -12.20 -7.63
C GLU A 33 0.43 -12.92 -6.70
N LYS A 34 0.34 -14.22 -6.66
CA LYS A 34 1.26 -15.01 -5.78
C LYS A 34 2.45 -15.50 -6.60
C ACE A 1 -14.95 15.38 6.99
O ACE A 1 -16.02 15.43 6.42
CH3 ACE A 1 -14.76 14.61 8.29
H1 ACE A 1 -13.72 14.36 8.42
H2 ACE A 1 -15.34 13.70 8.25
H3 ACE A 1 -15.09 15.22 9.12
N ARG A 2 -13.90 16.00 6.50
CA ARG A 2 -14.00 16.79 5.24
C ARG A 2 -12.62 16.84 4.57
N TYR A 3 -11.78 17.77 4.97
CA TYR A 3 -10.44 17.88 4.35
C TYR A 3 -9.34 17.25 5.24
N PRO A 4 -9.33 17.54 6.53
CA PRO A 4 -8.32 17.05 7.52
C PRO A 4 -8.76 15.74 8.17
N TYR A 5 -9.77 15.80 9.00
CA TYR A 5 -10.26 14.58 9.71
C TYR A 5 -10.50 13.41 8.73
N TYR A 6 -10.74 13.69 7.48
CA TYR A 6 -10.97 12.60 6.50
C TYR A 6 -9.65 12.15 5.86
N LEU A 7 -8.73 13.05 5.68
CA LEU A 7 -7.42 12.68 5.04
C LEU A 7 -6.72 11.60 5.89
N SER A 8 -7.03 11.53 7.16
CA SER A 8 -6.38 10.50 8.02
C SER A 8 -6.78 9.10 7.57
N ASP A 9 -8.03 8.92 7.22
CA ASP A 9 -8.52 7.58 6.77
C ASP A 9 -7.73 7.15 5.52
N ILE A 10 -7.47 8.07 4.64
CA ILE A 10 -6.71 7.71 3.39
C ILE A 10 -5.27 7.34 3.75
N THR A 11 -4.70 7.96 4.75
CA THR A 11 -3.29 7.64 5.14
C THR A 11 -3.14 6.16 5.45
N ASP A 12 -4.00 5.62 6.28
CA ASP A 12 -3.91 4.17 6.63
C ASP A 12 -4.10 3.33 5.35
N VAL A 13 -4.92 3.82 4.45
CA VAL A 13 -5.16 3.07 3.18
C VAL A 13 -3.85 2.94 2.39
N ILE A 14 -3.03 3.97 2.42
CA ILE A 14 -1.74 3.92 1.68
C ILE A 14 -0.74 3.02 2.45
N PHE A 15 -0.98 2.78 3.71
CA PHE A 15 -0.03 1.91 4.49
C PHE A 15 -0.14 0.46 4.00
N ILE A 16 -1.33 -0.06 3.90
CA ILE A 16 -1.51 -1.47 3.42
C ILE A 16 -1.29 -1.54 1.90
N TYR A 17 -1.65 -0.50 1.19
CA TYR A 17 -1.47 -0.50 -0.29
C TYR A 17 0.02 -0.64 -0.63
N PHE A 18 0.87 0.04 0.10
CA PHE A 18 2.34 -0.04 -0.16
C PHE A 18 2.86 -1.40 0.30
N ALA A 19 2.23 -1.99 1.28
CA ALA A 19 2.67 -3.33 1.79
C ALA A 19 2.69 -4.35 0.67
N ALA A 20 1.64 -4.36 -0.12
CA ALA A 20 1.52 -5.33 -1.26
C ALA A 20 2.79 -5.33 -2.12
N LEU A 21 3.24 -4.17 -2.49
CA LEU A 21 4.46 -4.05 -3.36
C LEU A 21 5.75 -4.09 -2.52
N SER A 22 5.65 -3.94 -1.22
CA SER A 22 6.86 -3.96 -0.34
C SER A 22 7.75 -5.19 -0.60
N PRO A 23 7.17 -6.37 -0.65
CA PRO A 23 7.90 -7.67 -0.90
C PRO A 23 8.37 -7.73 -2.34
N ALA A 24 7.45 -7.58 -3.24
CA ALA A 24 7.79 -7.62 -4.72
C ALA A 24 9.04 -6.78 -5.02
N ILE A 25 9.29 -5.76 -4.24
CA ILE A 25 10.50 -4.91 -4.47
C ILE A 25 11.74 -5.61 -3.92
N THR A 26 11.66 -6.17 -2.74
CA THR A 26 12.85 -6.86 -2.14
C THR A 26 13.14 -8.15 -2.91
N PHE A 27 12.25 -9.10 -2.85
CA PHE A 27 12.45 -10.41 -3.56
C PHE A 27 12.86 -10.16 -5.02
N GLY A 28 13.73 -10.99 -5.54
CA GLY A 28 14.18 -10.82 -6.96
C GLY A 28 13.13 -11.40 -7.89
N GLY A 29 13.55 -12.18 -8.87
CA GLY A 29 12.58 -12.78 -9.82
C GLY A 29 12.03 -14.11 -9.26
N LEU A 30 12.59 -14.60 -8.18
CA LEU A 30 12.10 -15.90 -7.60
C LEU A 30 10.77 -15.65 -6.88
N LEU A 31 9.67 -15.69 -7.59
CA LEU A 31 8.35 -15.48 -6.95
C LEU A 31 7.89 -16.77 -6.29
N GLY A 32 8.26 -17.90 -6.84
CA GLY A 32 7.86 -19.21 -6.25
C GLY A 32 6.79 -19.86 -7.14
N GLU A 33 6.05 -20.80 -6.60
CA GLU A 33 4.99 -21.47 -7.39
C GLU A 33 3.74 -20.58 -7.44
N LYS A 34 3.26 -20.17 -6.29
CA LYS A 34 2.06 -19.30 -6.25
C LYS A 34 2.34 -18.05 -5.41
C ACE A 1 18.95 -1.83 -6.48
O ACE A 1 19.73 -1.29 -7.23
CH3 ACE A 1 19.32 -2.11 -5.01
H1 ACE A 1 18.70 -1.51 -4.37
H2 ACE A 1 20.36 -1.87 -4.86
H3 ACE A 1 19.16 -3.16 -4.80
N ARG A 2 17.76 -2.20 -6.87
CA ARG A 2 17.32 -1.97 -8.28
C ARG A 2 16.22 -0.89 -8.32
N TYR A 3 15.69 -0.50 -7.19
CA TYR A 3 14.61 0.53 -7.16
C TYR A 3 14.98 1.63 -6.13
N PRO A 4 15.98 2.43 -6.46
CA PRO A 4 16.49 3.55 -5.62
C PRO A 4 15.63 4.81 -5.81
N TYR A 5 15.81 5.49 -6.92
CA TYR A 5 15.02 6.73 -7.18
C TYR A 5 13.60 6.37 -7.62
N TYR A 6 13.44 5.25 -8.27
CA TYR A 6 12.08 4.83 -8.73
C TYR A 6 11.19 4.47 -7.53
N LEU A 7 11.77 4.32 -6.36
CA LEU A 7 10.95 3.97 -5.15
C LEU A 7 9.97 5.11 -4.82
N SER A 8 10.14 6.28 -5.39
CA SER A 8 9.22 7.41 -5.09
C SER A 8 7.78 7.03 -5.43
N ASP A 9 7.57 6.43 -6.57
CA ASP A 9 6.18 6.02 -6.96
C ASP A 9 5.66 4.98 -5.97
N ILE A 10 6.48 4.02 -5.63
CA ILE A 10 6.05 2.97 -4.66
C ILE A 10 5.75 3.63 -3.30
N THR A 11 6.31 4.79 -3.04
CA THR A 11 6.06 5.48 -1.75
C THR A 11 4.60 5.94 -1.71
N ASP A 12 4.11 6.48 -2.81
CA ASP A 12 2.69 6.95 -2.84
C ASP A 12 1.77 5.76 -2.63
N VAL A 13 2.17 4.59 -3.06
CA VAL A 13 1.32 3.38 -2.90
C VAL A 13 1.36 2.89 -1.45
N ILE A 14 2.39 3.22 -0.72
CA ILE A 14 2.49 2.77 0.70
C ILE A 14 1.73 3.75 1.61
N PHE A 15 1.67 5.00 1.23
CA PHE A 15 0.93 6.00 2.05
C PHE A 15 -0.57 5.73 1.94
N ILE A 16 -1.01 5.36 0.77
CA ILE A 16 -2.46 5.07 0.56
C ILE A 16 -2.79 3.70 1.16
N TYR A 17 -1.85 2.79 1.08
CA TYR A 17 -2.05 1.41 1.62
C TYR A 17 -2.53 1.48 3.08
N PHE A 18 -1.87 2.30 3.88
CA PHE A 18 -2.26 2.42 5.31
C PHE A 18 -3.53 3.28 5.45
N ALA A 19 -3.71 4.22 4.55
CA ALA A 19 -4.92 5.10 4.61
C ALA A 19 -6.20 4.27 4.60
N ALA A 20 -6.34 3.41 3.62
CA ALA A 20 -7.57 2.57 3.51
C ALA A 20 -7.65 1.57 4.66
N LEU A 21 -6.58 0.92 4.95
CA LEU A 21 -6.57 -0.11 6.05
C LEU A 21 -6.79 0.54 7.41
N SER A 22 -6.68 1.84 7.52
CA SER A 22 -6.88 2.52 8.86
C SER A 22 -8.36 2.38 9.30
N PRO A 23 -9.27 2.93 8.51
CA PRO A 23 -10.75 2.91 8.76
C PRO A 23 -11.31 1.50 8.60
N ALA A 24 -11.08 0.91 7.46
CA ALA A 24 -11.59 -0.48 7.18
C ALA A 24 -11.30 -1.42 8.36
N ILE A 25 -10.27 -1.16 9.10
CA ILE A 25 -9.93 -2.03 10.27
C ILE A 25 -10.80 -1.63 11.47
N THR A 26 -10.97 -0.35 11.69
CA THR A 26 -11.80 0.11 12.84
C THR A 26 -13.28 -0.16 12.56
N PHE A 27 -13.86 0.55 11.63
CA PHE A 27 -15.32 0.34 11.29
C PHE A 27 -15.61 -1.15 11.05
N GLY A 28 -16.86 -1.53 11.10
CA GLY A 28 -17.22 -2.95 10.88
C GLY A 28 -17.41 -3.21 9.39
N GLY A 29 -18.52 -3.82 9.01
CA GLY A 29 -18.77 -4.10 7.58
C GLY A 29 -17.73 -5.09 7.05
N LEU A 30 -17.37 -6.06 7.85
CA LEU A 30 -16.35 -7.06 7.42
C LEU A 30 -16.88 -7.86 6.23
N LEU A 31 -16.26 -7.72 5.09
CA LEU A 31 -16.71 -8.46 3.88
C LEU A 31 -16.06 -9.85 3.87
N GLY A 32 -14.80 -9.92 4.25
CA GLY A 32 -14.10 -11.24 4.26
C GLY A 32 -12.84 -11.14 5.13
N GLU A 33 -12.34 -12.26 5.60
CA GLU A 33 -11.13 -12.25 6.46
C GLU A 33 -9.89 -12.06 5.59
N LYS A 34 -9.89 -12.62 4.40
CA LYS A 34 -8.72 -12.46 3.49
C LYS A 34 -9.18 -11.95 2.13
C ACE A 1 -20.47 9.01 6.78
O ACE A 1 -21.25 9.14 7.71
CH3 ACE A 1 -18.96 8.92 7.04
H1 ACE A 1 -18.54 9.92 7.05
H2 ACE A 1 -18.50 8.34 6.24
H3 ACE A 1 -18.78 8.44 7.98
N ARG A 2 -20.88 8.94 5.55
CA ARG A 2 -22.34 9.02 5.23
C ARG A 2 -22.69 8.06 4.09
N TYR A 3 -21.86 7.99 3.07
CA TYR A 3 -22.14 7.07 1.93
C TYR A 3 -21.00 7.15 0.91
N PRO A 4 -20.64 8.35 0.48
CA PRO A 4 -19.55 8.63 -0.51
C PRO A 4 -18.20 8.80 0.20
N TYR A 5 -18.04 9.89 0.91
CA TYR A 5 -16.75 10.14 1.64
C TYR A 5 -16.40 8.93 2.53
N TYR A 6 -17.38 8.16 2.92
CA TYR A 6 -17.12 6.97 3.78
C TYR A 6 -16.42 5.88 2.97
N LEU A 7 -16.91 5.61 1.79
CA LEU A 7 -16.29 4.55 0.94
C LEU A 7 -14.86 4.95 0.54
N SER A 8 -14.66 6.19 0.19
CA SER A 8 -13.30 6.66 -0.21
C SER A 8 -12.35 6.61 1.00
N ASP A 9 -12.88 6.67 2.19
CA ASP A 9 -12.02 6.64 3.41
C ASP A 9 -11.40 5.25 3.59
N ILE A 10 -12.22 4.25 3.73
CA ILE A 10 -11.70 2.85 3.93
C ILE A 10 -10.78 2.46 2.77
N THR A 11 -11.20 2.77 1.57
CA THR A 11 -10.37 2.44 0.37
C THR A 11 -9.02 3.16 0.46
N ASP A 12 -9.01 4.33 1.05
CA ASP A 12 -7.73 5.09 1.17
C ASP A 12 -6.81 4.38 2.18
N VAL A 13 -7.38 3.82 3.21
CA VAL A 13 -6.58 3.11 4.24
C VAL A 13 -5.98 1.83 3.64
N ILE A 14 -6.69 1.21 2.73
CA ILE A 14 -6.18 -0.04 2.10
C ILE A 14 -5.11 0.30 1.06
N PHE A 15 -5.17 1.48 0.51
CA PHE A 15 -4.16 1.89 -0.51
C PHE A 15 -2.78 2.03 0.17
N ILE A 16 -2.76 2.54 1.37
CA ILE A 16 -1.47 2.71 2.10
C ILE A 16 -1.08 1.39 2.79
N TYR A 17 -2.05 0.55 3.06
CA TYR A 17 -1.75 -0.75 3.74
C TYR A 17 -0.82 -1.60 2.87
N PHE A 18 -1.15 -1.74 1.61
CA PHE A 18 -0.32 -2.56 0.68
C PHE A 18 0.88 -1.74 0.18
N ALA A 19 0.64 -0.49 -0.13
CA ALA A 19 1.73 0.41 -0.65
C ALA A 19 2.99 0.28 0.18
N ALA A 20 2.85 0.22 1.47
CA ALA A 20 4.03 0.11 2.39
C ALA A 20 4.97 -1.00 1.94
N LEU A 21 4.44 -2.18 1.76
CA LEU A 21 5.28 -3.34 1.34
C LEU A 21 5.46 -3.38 -0.19
N SER A 22 4.72 -2.57 -0.91
CA SER A 22 4.82 -2.57 -2.41
C SER A 22 6.28 -2.42 -2.89
N PRO A 23 7.02 -1.47 -2.35
CA PRO A 23 8.46 -1.20 -2.73
C PRO A 23 9.37 -2.33 -2.26
N ALA A 24 9.34 -2.60 -0.99
CA ALA A 24 10.19 -3.69 -0.42
C ALA A 24 10.09 -4.98 -1.25
N ILE A 25 8.97 -5.19 -1.90
CA ILE A 25 8.81 -6.43 -2.74
C ILE A 25 9.49 -6.21 -4.09
N THR A 26 9.35 -5.06 -4.67
CA THR A 26 9.98 -4.78 -6.00
C THR A 26 11.50 -4.94 -5.89
N PHE A 27 12.05 -4.70 -4.72
CA PHE A 27 13.53 -4.83 -4.55
C PHE A 27 13.92 -6.31 -4.60
N GLY A 28 15.08 -6.60 -5.11
CA GLY A 28 15.54 -8.02 -5.20
C GLY A 28 16.76 -8.12 -6.13
N GLY A 29 17.82 -7.41 -5.81
CA GLY A 29 19.03 -7.45 -6.68
C GLY A 29 20.27 -7.57 -5.79
N LEU A 30 20.56 -6.56 -5.02
CA LEU A 30 21.76 -6.59 -4.13
C LEU A 30 21.37 -7.25 -2.80
N LEU A 31 22.04 -8.31 -2.43
CA LEU A 31 21.71 -9.00 -1.14
C LEU A 31 22.48 -8.31 0.01
N GLY A 32 23.74 -8.03 -0.21
CA GLY A 32 24.54 -7.37 0.87
C GLY A 32 26.03 -7.51 0.54
N GLU A 33 26.75 -6.41 0.54
CA GLU A 33 28.21 -6.46 0.24
C GLU A 33 28.94 -7.13 1.40
N LYS A 34 28.63 -6.74 2.61
CA LYS A 34 29.30 -7.35 3.79
C LYS A 34 28.29 -7.54 4.92
C ACE A 1 17.79 -4.30 17.92
O ACE A 1 18.63 -4.31 17.05
CH3 ACE A 1 17.97 -3.46 19.19
H1 ACE A 1 18.42 -2.51 18.93
H2 ACE A 1 18.61 -3.99 19.88
H3 ACE A 1 17.01 -3.29 19.65
N ARG A 2 16.68 -4.99 17.82
CA ARG A 2 16.43 -5.84 16.62
C ARG A 2 16.07 -4.93 15.43
N TYR A 3 15.08 -4.10 15.58
CA TYR A 3 14.67 -3.19 14.48
C TYR A 3 13.94 -1.96 15.08
N PRO A 4 14.71 -1.00 15.53
CA PRO A 4 14.21 0.28 16.16
C PRO A 4 13.78 1.28 15.07
N TYR A 5 14.71 2.01 14.50
CA TYR A 5 14.36 2.99 13.44
C TYR A 5 13.99 2.27 12.15
N TYR A 6 14.49 1.07 11.97
CA TYR A 6 14.18 0.30 10.73
C TYR A 6 12.67 0.01 10.66
N LEU A 7 12.02 -0.08 11.79
CA LEU A 7 10.56 -0.37 11.80
C LEU A 7 9.79 0.81 11.21
N SER A 8 10.31 2.00 11.32
CA SER A 8 9.61 3.20 10.77
C SER A 8 9.58 3.13 9.24
N ASP A 9 10.51 2.44 8.64
CA ASP A 9 10.52 2.35 7.14
C ASP A 9 9.41 1.42 6.65
N ILE A 10 9.21 0.30 7.30
CA ILE A 10 8.14 -0.65 6.87
C ILE A 10 6.76 -0.02 7.10
N THR A 11 6.54 0.55 8.27
CA THR A 11 5.22 1.18 8.56
C THR A 11 4.98 2.32 7.58
N ASP A 12 6.02 3.02 7.20
CA ASP A 12 5.85 4.16 6.23
C ASP A 12 5.43 3.59 4.87
N VAL A 13 5.93 2.43 4.53
CA VAL A 13 5.57 1.80 3.23
C VAL A 13 4.08 1.45 3.24
N ILE A 14 3.57 1.01 4.37
CA ILE A 14 2.13 0.65 4.47
C ILE A 14 1.27 1.92 4.42
N PHE A 15 1.82 3.04 4.81
CA PHE A 15 1.03 4.31 4.79
C PHE A 15 0.71 4.71 3.34
N ILE A 16 1.70 4.78 2.50
CA ILE A 16 1.46 5.18 1.08
C ILE A 16 0.74 4.05 0.34
N TYR A 17 0.85 2.84 0.81
CA TYR A 17 0.18 1.70 0.12
C TYR A 17 -1.35 1.85 0.26
N PHE A 18 -1.84 1.78 1.46
CA PHE A 18 -3.33 1.91 1.68
C PHE A 18 -3.82 3.27 1.19
N ALA A 19 -2.95 4.25 1.10
CA ALA A 19 -3.38 5.61 0.63
C ALA A 19 -3.75 5.56 -0.86
N ALA A 20 -2.83 5.17 -1.69
CA ALA A 20 -3.10 5.11 -3.16
C ALA A 20 -4.28 4.18 -3.44
N LEU A 21 -4.28 3.05 -2.79
CA LEU A 21 -5.36 2.04 -3.00
C LEU A 21 -6.69 2.51 -2.39
N SER A 22 -6.67 3.40 -1.45
CA SER A 22 -7.95 3.88 -0.81
C SER A 22 -8.96 4.33 -1.89
N PRO A 23 -8.58 5.30 -2.69
CA PRO A 23 -9.44 5.88 -3.80
C PRO A 23 -9.68 4.86 -4.90
N ALA A 24 -8.62 4.37 -5.49
CA ALA A 24 -8.74 3.37 -6.60
C ALA A 24 -9.69 2.22 -6.22
N ILE A 25 -9.82 1.93 -4.95
CA ILE A 25 -10.73 0.82 -4.53
C ILE A 25 -12.13 1.36 -4.27
N THR A 26 -12.25 2.58 -3.81
CA THR A 26 -13.60 3.16 -3.53
C THR A 26 -14.48 3.12 -4.78
N PHE A 27 -13.98 3.59 -5.89
CA PHE A 27 -14.79 3.59 -7.15
C PHE A 27 -14.64 2.23 -7.86
N GLY A 28 -13.42 1.79 -8.08
CA GLY A 28 -13.21 0.49 -8.77
C GLY A 28 -12.50 0.75 -10.10
N GLY A 29 -13.01 0.19 -11.17
CA GLY A 29 -12.38 0.40 -12.51
C GLY A 29 -12.94 -0.60 -13.52
N LEU A 30 -14.23 -0.53 -13.79
CA LEU A 30 -14.83 -1.47 -14.78
C LEU A 30 -14.34 -1.09 -16.19
N LEU A 31 -13.65 -2.00 -16.84
CA LEU A 31 -13.13 -1.70 -18.20
C LEU A 31 -14.18 -2.09 -19.25
N GLY A 32 -14.44 -3.35 -19.41
CA GLY A 32 -15.45 -3.81 -20.41
C GLY A 32 -16.85 -3.56 -19.88
N GLU A 33 -17.83 -3.53 -20.75
CA GLU A 33 -19.24 -3.30 -20.30
C GLU A 33 -19.85 -4.63 -19.84
N LYS A 34 -20.03 -5.55 -20.75
CA LYS A 34 -20.62 -6.87 -20.39
C LYS A 34 -19.59 -7.97 -20.60
C ACE A 1 11.85 -14.23 11.58
O ACE A 1 12.26 -14.85 12.54
CH3 ACE A 1 11.03 -14.92 10.49
H1 ACE A 1 11.50 -15.86 10.23
H2 ACE A 1 10.99 -14.29 9.62
H3 ACE A 1 10.03 -15.12 10.86
N ARG A 2 12.10 -12.96 11.44
CA ARG A 2 12.90 -12.22 12.46
C ARG A 2 11.98 -11.81 13.62
N TYR A 3 11.36 -10.65 13.55
CA TYR A 3 10.45 -10.21 14.66
C TYR A 3 9.99 -8.76 14.41
N PRO A 4 10.93 -7.86 14.19
CA PRO A 4 10.69 -6.40 13.95
C PRO A 4 10.52 -6.10 12.45
N TYR A 5 11.59 -6.11 11.71
CA TYR A 5 11.53 -5.82 10.25
C TYR A 5 10.53 -6.74 9.55
N TYR A 6 10.25 -7.88 10.12
CA TYR A 6 9.29 -8.83 9.49
C TYR A 6 7.91 -8.17 9.33
N LEU A 7 7.37 -7.66 10.40
CA LEU A 7 6.03 -6.99 10.32
C LEU A 7 6.16 -5.62 9.65
N SER A 8 7.33 -5.03 9.68
CA SER A 8 7.52 -3.69 9.05
C SER A 8 7.19 -3.75 7.54
N ASP A 9 7.22 -4.93 6.96
CA ASP A 9 6.92 -5.05 5.50
C ASP A 9 5.46 -4.70 5.23
N ILE A 10 4.57 -5.07 6.12
CA ILE A 10 3.12 -4.76 5.90
C ILE A 10 2.83 -3.30 6.22
N THR A 11 3.43 -2.77 7.26
CA THR A 11 3.19 -1.34 7.63
C THR A 11 3.70 -0.43 6.51
N ASP A 12 4.75 -0.84 5.83
CA ASP A 12 5.30 -0.01 4.72
C ASP A 12 4.32 -0.05 3.54
N VAL A 13 3.74 -1.20 3.29
CA VAL A 13 2.76 -1.32 2.18
C VAL A 13 1.56 -0.41 2.44
N ILE A 14 1.17 -0.29 3.68
CA ILE A 14 0.01 0.58 4.03
C ILE A 14 0.41 2.05 3.90
N PHE A 15 1.67 2.35 4.05
CA PHE A 15 2.13 3.77 3.93
C PHE A 15 1.84 4.29 2.52
N ILE A 16 2.40 3.66 1.51
CA ILE A 16 2.15 4.10 0.11
C ILE A 16 0.72 3.71 -0.32
N TYR A 17 0.02 2.92 0.47
CA TYR A 17 -1.37 2.54 0.08
C TYR A 17 -2.30 3.73 0.33
N PHE A 18 -1.98 4.53 1.31
CA PHE A 18 -2.82 5.73 1.62
C PHE A 18 -2.33 6.93 0.80
N ALA A 19 -1.07 6.93 0.42
CA ALA A 19 -0.50 8.07 -0.36
C ALA A 19 -0.88 7.95 -1.84
N ALA A 20 -0.45 6.88 -2.47
CA ALA A 20 -0.74 6.68 -3.93
C ALA A 20 -2.23 6.82 -4.24
N LEU A 21 -3.05 6.17 -3.46
CA LEU A 21 -4.52 6.21 -3.69
C LEU A 21 -5.15 7.49 -3.11
N SER A 22 -4.44 8.22 -2.28
CA SER A 22 -5.01 9.47 -1.67
C SER A 22 -5.65 10.38 -2.73
N PRO A 23 -4.94 10.70 -3.78
CA PRO A 23 -5.39 11.59 -4.91
C PRO A 23 -6.43 10.88 -5.76
N ALA A 24 -6.07 9.74 -6.26
CA ALA A 24 -7.01 8.94 -7.13
C ALA A 24 -8.40 8.84 -6.50
N ILE A 25 -8.48 8.91 -5.19
CA ILE A 25 -9.81 8.81 -4.50
C ILE A 25 -10.59 10.12 -4.72
N THR A 26 -9.94 11.24 -4.57
CA THR A 26 -10.63 12.56 -4.75
C THR A 26 -11.30 12.62 -6.14
N PHE A 27 -10.70 12.00 -7.12
CA PHE A 27 -11.29 12.01 -8.49
C PHE A 27 -12.60 11.21 -8.49
N GLY A 28 -13.25 11.09 -9.63
CA GLY A 28 -14.52 10.33 -9.69
C GLY A 28 -14.22 8.83 -9.82
N GLY A 29 -14.27 8.30 -11.02
CA GLY A 29 -14.00 6.84 -11.21
C GLY A 29 -13.74 6.57 -12.69
N LEU A 30 -12.98 7.40 -13.34
CA LEU A 30 -12.69 7.20 -14.78
C LEU A 30 -11.88 5.91 -14.96
N LEU A 31 -10.89 5.70 -14.12
CA LEU A 31 -10.06 4.46 -14.22
C LEU A 31 -10.87 3.27 -13.70
N GLY A 32 -11.16 3.26 -12.42
CA GLY A 32 -11.94 2.12 -11.83
C GLY A 32 -11.09 0.84 -11.89
N GLU A 33 -11.14 0.05 -10.85
CA GLU A 33 -10.34 -1.21 -10.83
C GLU A 33 -11.12 -2.32 -11.56
N LYS A 34 -12.33 -2.58 -11.13
CA LYS A 34 -13.15 -3.64 -11.78
C LYS A 34 -14.60 -3.17 -11.91
C ACE A 1 -18.42 7.64 -13.91
O ACE A 1 -17.64 6.96 -14.53
CH3 ACE A 1 -19.93 7.39 -13.98
H1 ACE A 1 -20.13 6.57 -14.66
H2 ACE A 1 -20.43 8.27 -14.33
H3 ACE A 1 -20.30 7.13 -12.99
N ARG A 2 -18.02 8.63 -13.14
CA ARG A 2 -16.56 8.94 -13.02
C ARG A 2 -16.12 8.71 -11.56
N TYR A 3 -16.96 9.03 -10.62
CA TYR A 3 -16.60 8.83 -9.19
C TYR A 3 -15.30 9.59 -8.86
N PRO A 4 -15.43 10.82 -8.40
CA PRO A 4 -14.29 11.72 -8.02
C PRO A 4 -13.85 11.48 -6.57
N TYR A 5 -14.57 12.02 -5.63
CA TYR A 5 -14.21 11.82 -4.19
C TYR A 5 -14.43 10.36 -3.78
N TYR A 6 -15.31 9.67 -4.46
CA TYR A 6 -15.57 8.24 -4.10
C TYR A 6 -14.30 7.40 -4.25
N LEU A 7 -13.57 7.59 -5.32
CA LEU A 7 -12.32 6.80 -5.54
C LEU A 7 -11.14 7.49 -4.86
N SER A 8 -11.22 8.78 -4.63
CA SER A 8 -10.10 9.51 -3.97
C SER A 8 -9.84 8.91 -2.58
N ASP A 9 -10.85 8.36 -1.97
CA ASP A 9 -10.67 7.75 -0.62
C ASP A 9 -9.72 6.56 -0.72
N ILE A 10 -9.81 5.81 -1.79
CA ILE A 10 -8.91 4.63 -1.96
C ILE A 10 -7.47 5.12 -2.13
N THR A 11 -7.28 6.23 -2.79
CA THR A 11 -5.89 6.77 -2.97
C THR A 11 -5.29 7.08 -1.61
N ASP A 12 -6.09 7.59 -0.70
CA ASP A 12 -5.57 7.90 0.67
C ASP A 12 -5.15 6.60 1.34
N VAL A 13 -5.81 5.51 1.04
CA VAL A 13 -5.45 4.21 1.65
C VAL A 13 -4.13 3.71 1.05
N ILE A 14 -3.87 4.05 -0.19
CA ILE A 14 -2.60 3.61 -0.83
C ILE A 14 -1.43 4.28 -0.11
N PHE A 15 -1.63 5.48 0.38
CA PHE A 15 -0.53 6.18 1.11
C PHE A 15 -0.22 5.41 2.40
N ILE A 16 -1.23 5.18 3.20
CA ILE A 16 -1.02 4.42 4.46
C ILE A 16 -0.54 3.00 4.13
N TYR A 17 -0.75 2.54 2.91
CA TYR A 17 -0.30 1.16 2.55
C TYR A 17 1.22 1.12 2.56
N PHE A 18 1.86 2.14 2.04
CA PHE A 18 3.35 2.17 2.03
C PHE A 18 3.85 2.32 3.48
N ALA A 19 3.09 2.99 4.30
CA ALA A 19 3.49 3.19 5.72
C ALA A 19 3.62 1.81 6.40
N ALA A 20 2.61 1.02 6.30
CA ALA A 20 2.63 -0.34 6.91
C ALA A 20 3.78 -1.17 6.34
N LEU A 21 3.89 -1.18 5.04
CA LEU A 21 4.96 -1.98 4.36
C LEU A 21 6.32 -1.27 4.47
N SER A 22 6.37 -0.09 5.05
CA SER A 22 7.67 0.68 5.18
C SER A 22 8.88 -0.22 5.56
N PRO A 23 8.74 -1.02 6.58
CA PRO A 23 9.83 -1.95 7.08
C PRO A 23 10.03 -3.09 6.10
N ALA A 24 8.99 -3.82 5.81
CA ALA A 24 9.07 -4.97 4.85
C ALA A 24 9.82 -4.57 3.56
N ILE A 25 9.80 -3.30 3.21
CA ILE A 25 10.50 -2.84 1.99
C ILE A 25 12.01 -2.75 2.26
N THR A 26 12.39 -2.19 3.39
CA THR A 26 13.83 -2.08 3.73
C THR A 26 14.39 -3.47 4.05
N PHE A 27 13.97 -4.05 5.14
CA PHE A 27 14.45 -5.40 5.52
C PHE A 27 13.52 -6.46 4.91
N GLY A 28 14.09 -7.50 4.35
CA GLY A 28 13.25 -8.57 3.73
C GLY A 28 13.11 -9.74 4.70
N GLY A 29 12.13 -9.69 5.56
CA GLY A 29 11.92 -10.79 6.55
C GLY A 29 10.88 -11.77 6.03
N LEU A 30 10.77 -11.92 4.73
CA LEU A 30 9.76 -12.86 4.15
C LEU A 30 10.20 -14.30 4.42
N LEU A 31 11.49 -14.54 4.44
CA LEU A 31 11.98 -15.93 4.70
C LEU A 31 11.63 -16.32 6.13
N GLY A 32 11.71 -15.39 7.06
CA GLY A 32 11.37 -15.71 8.48
C GLY A 32 12.65 -15.66 9.32
N GLU A 33 12.52 -15.77 10.62
CA GLU A 33 13.71 -15.73 11.50
C GLU A 33 14.45 -17.07 11.42
N LYS A 34 13.78 -18.16 11.73
CA LYS A 34 14.43 -19.49 11.67
C LYS A 34 13.40 -20.54 11.22
C ACE A 1 -13.84 3.01 20.69
O ACE A 1 -14.44 2.57 19.73
CH3 ACE A 1 -13.62 2.16 21.95
H1 ACE A 1 -13.22 1.19 21.67
H2 ACE A 1 -14.57 2.01 22.46
H3 ACE A 1 -12.92 2.65 22.61
N ARG A 2 -13.35 4.22 20.71
CA ARG A 2 -13.52 5.11 19.52
C ARG A 2 -12.78 4.52 18.33
N TYR A 3 -11.67 3.86 18.58
CA TYR A 3 -10.88 3.24 17.46
C TYR A 3 -10.61 4.29 16.37
N PRO A 4 -9.83 5.30 16.71
CA PRO A 4 -9.45 6.46 15.83
C PRO A 4 -8.16 6.15 15.05
N TYR A 5 -7.04 6.19 15.69
CA TYR A 5 -5.73 5.92 15.01
C TYR A 5 -5.77 4.55 14.31
N TYR A 6 -6.64 3.66 14.74
CA TYR A 6 -6.71 2.32 14.11
C TYR A 6 -7.06 2.45 12.61
N LEU A 7 -8.06 3.23 12.31
CA LEU A 7 -8.47 3.42 10.89
C LEU A 7 -7.41 4.22 10.13
N SER A 8 -6.89 5.25 10.74
CA SER A 8 -5.84 6.09 10.07
C SER A 8 -4.62 5.22 9.72
N ASP A 9 -4.39 4.17 10.47
CA ASP A 9 -3.22 3.29 10.20
C ASP A 9 -3.44 2.58 8.86
N ILE A 10 -4.65 2.20 8.58
CA ILE A 10 -4.96 1.51 7.29
C ILE A 10 -4.82 2.51 6.14
N THR A 11 -5.35 3.70 6.32
CA THR A 11 -5.26 4.73 5.24
C THR A 11 -3.78 5.04 4.94
N ASP A 12 -2.90 4.80 5.88
CA ASP A 12 -1.45 5.08 5.65
C ASP A 12 -0.84 3.91 4.88
N VAL A 13 -1.34 2.72 5.08
CA VAL A 13 -0.80 1.54 4.36
C VAL A 13 -1.28 1.58 2.90
N ILE A 14 -2.40 2.20 2.66
CA ILE A 14 -2.94 2.29 1.26
C ILE A 14 -2.21 3.44 0.54
N PHE A 15 -2.00 4.53 1.23
CA PHE A 15 -1.32 5.69 0.63
C PHE A 15 0.10 5.29 0.21
N ILE A 16 0.77 4.54 1.05
CA ILE A 16 2.16 4.09 0.71
C ILE A 16 2.08 2.93 -0.29
N TYR A 17 0.99 2.20 -0.29
CA TYR A 17 0.85 1.05 -1.23
C TYR A 17 1.01 1.54 -2.68
N PHE A 18 0.55 2.74 -2.97
CA PHE A 18 0.67 3.28 -4.35
C PHE A 18 2.04 3.95 -4.55
N ALA A 19 2.56 4.57 -3.52
CA ALA A 19 3.88 5.26 -3.63
C ALA A 19 4.97 4.29 -4.07
N ALA A 20 5.13 3.21 -3.34
CA ALA A 20 6.19 2.20 -3.65
C ALA A 20 6.07 1.70 -5.10
N LEU A 21 4.89 1.35 -5.51
CA LEU A 21 4.68 0.82 -6.89
C LEU A 21 4.65 1.94 -7.94
N SER A 22 4.57 3.18 -7.53
CA SER A 22 4.52 4.29 -8.53
C SER A 22 5.73 4.20 -9.49
N PRO A 23 6.93 4.19 -8.94
CA PRO A 23 8.23 4.10 -9.70
C PRO A 23 8.44 2.68 -10.22
N ALA A 24 8.47 1.73 -9.33
CA ALA A 24 8.70 0.30 -9.71
C ALA A 24 7.83 -0.11 -10.91
N ILE A 25 6.69 0.50 -11.07
CA ILE A 25 5.79 0.16 -12.21
C ILE A 25 6.39 0.76 -13.49
N THR A 26 6.81 2.00 -13.43
CA THR A 26 7.40 2.67 -14.63
C THR A 26 8.62 1.88 -15.14
N PHE A 27 9.46 1.40 -14.25
CA PHE A 27 10.68 0.65 -14.69
C PHE A 27 10.32 -0.84 -14.89
N GLY A 28 10.25 -1.59 -13.82
CA GLY A 28 9.93 -3.04 -13.93
C GLY A 28 8.43 -3.25 -13.75
N GLY A 29 8.02 -4.46 -13.48
CA GLY A 29 6.57 -4.74 -13.29
C GLY A 29 6.35 -6.25 -13.10
N LEU A 30 6.82 -6.78 -11.99
CA LEU A 30 6.63 -8.24 -11.72
C LEU A 30 5.15 -8.58 -11.70
N LEU A 31 4.81 -9.82 -11.96
CA LEU A 31 3.37 -10.22 -11.96
C LEU A 31 2.79 -10.04 -10.56
N GLY A 32 3.39 -10.65 -9.57
CA GLY A 32 2.89 -10.51 -8.18
C GLY A 32 3.68 -11.45 -7.26
N GLU A 33 2.99 -12.16 -6.39
CA GLU A 33 3.69 -13.08 -5.46
C GLU A 33 4.26 -14.27 -6.25
N LYS A 34 3.44 -14.91 -7.04
CA LYS A 34 3.93 -16.06 -7.84
C LYS A 34 3.38 -15.97 -9.28
C ACE A 1 -6.55 8.49 24.04
O ACE A 1 -6.94 9.29 23.21
CH3 ACE A 1 -7.51 7.57 24.76
H1 ACE A 1 -7.01 7.11 25.61
H2 ACE A 1 -7.85 6.79 24.09
H3 ACE A 1 -8.36 8.14 25.12
N ARG A 2 -5.27 8.40 24.34
CA ARG A 2 -4.27 9.27 23.66
C ARG A 2 -3.93 8.68 22.28
N TYR A 3 -3.19 7.60 22.25
CA TYR A 3 -2.85 6.97 20.93
C TYR A 3 -2.89 5.44 21.05
N PRO A 4 -4.03 4.91 21.47
CA PRO A 4 -4.28 3.43 21.63
C PRO A 4 -4.64 2.78 20.28
N TYR A 5 -5.85 2.94 19.84
CA TYR A 5 -6.27 2.33 18.54
C TYR A 5 -5.48 2.92 17.37
N TYR A 6 -4.81 4.03 17.58
CA TYR A 6 -4.02 4.68 16.47
C TYR A 6 -3.04 3.66 15.85
N LEU A 7 -2.68 2.63 16.57
CA LEU A 7 -1.71 1.63 16.03
C LEU A 7 -2.40 0.73 15.00
N SER A 8 -3.62 0.35 15.25
CA SER A 8 -4.35 -0.54 14.30
C SER A 8 -4.82 0.24 13.06
N ASP A 9 -5.04 1.52 13.22
CA ASP A 9 -5.51 2.34 12.05
C ASP A 9 -4.38 2.52 11.05
N ILE A 10 -3.21 2.90 11.50
CA ILE A 10 -2.06 3.10 10.58
C ILE A 10 -1.71 1.78 9.89
N THR A 11 -1.64 0.72 10.65
CA THR A 11 -1.30 -0.62 10.06
C THR A 11 -2.24 -0.97 8.91
N ASP A 12 -3.49 -0.59 9.00
CA ASP A 12 -4.45 -0.90 7.90
C ASP A 12 -4.10 -0.04 6.68
N VAL A 13 -3.63 1.14 6.90
CA VAL A 13 -3.26 2.05 5.77
C VAL A 13 -2.06 1.48 5.00
N ILE A 14 -1.19 0.75 5.67
CA ILE A 14 0.00 0.17 4.98
C ILE A 14 -0.44 -1.05 4.15
N PHE A 15 -1.36 -1.82 4.65
CA PHE A 15 -1.83 -3.02 3.90
C PHE A 15 -2.45 -2.59 2.56
N ILE A 16 -3.24 -1.55 2.56
CA ILE A 16 -3.87 -1.07 1.30
C ILE A 16 -2.82 -0.36 0.42
N TYR A 17 -1.78 0.16 1.01
CA TYR A 17 -0.73 0.87 0.22
C TYR A 17 -0.13 -0.08 -0.82
N PHE A 18 0.34 -1.23 -0.40
CA PHE A 18 0.94 -2.20 -1.35
C PHE A 18 -0.17 -2.90 -2.14
N ALA A 19 -1.28 -3.15 -1.49
CA ALA A 19 -2.44 -3.83 -2.15
C ALA A 19 -2.73 -3.25 -3.53
N ALA A 20 -2.74 -1.94 -3.61
CA ALA A 20 -3.03 -1.25 -4.89
C ALA A 20 -2.14 -1.77 -6.03
N LEU A 21 -0.86 -1.79 -5.80
CA LEU A 21 0.10 -2.26 -6.86
C LEU A 21 0.28 -3.78 -6.84
N SER A 22 -0.29 -4.46 -5.87
CA SER A 22 -0.15 -5.96 -5.79
C SER A 22 -0.47 -6.64 -7.15
N PRO A 23 -1.56 -6.28 -7.78
CA PRO A 23 -2.01 -6.86 -9.11
C PRO A 23 -1.16 -6.33 -10.23
N ALA A 24 -1.10 -5.03 -10.37
CA ALA A 24 -0.31 -4.39 -11.46
C ALA A 24 1.11 -4.99 -11.54
N ILE A 25 1.64 -5.49 -10.45
CA ILE A 25 3.00 -6.08 -10.47
C ILE A 25 2.96 -7.46 -11.14
N THR A 26 1.97 -8.27 -10.82
CA THR A 26 1.87 -9.63 -11.45
C THR A 26 1.84 -9.49 -12.97
N PHE A 27 1.20 -8.46 -13.47
CA PHE A 27 1.15 -8.25 -14.94
C PHE A 27 2.53 -7.84 -15.44
N GLY A 28 2.64 -7.43 -16.68
CA GLY A 28 3.97 -7.00 -17.21
C GLY A 28 4.48 -5.81 -16.42
N GLY A 29 5.63 -5.30 -16.77
CA GLY A 29 6.19 -4.12 -16.04
C GLY A 29 6.75 -3.11 -17.05
N LEU A 30 6.09 -2.93 -18.15
CA LEU A 30 6.57 -1.97 -19.18
C LEU A 30 6.56 -0.55 -18.59
N LEU A 31 7.42 0.31 -19.09
CA LEU A 31 7.47 1.70 -18.57
C LEU A 31 6.14 2.40 -18.85
N GLY A 32 5.65 2.31 -20.06
CA GLY A 32 4.36 2.96 -20.40
C GLY A 32 4.56 4.49 -20.49
N GLU A 33 4.74 5.00 -21.67
CA GLU A 33 4.95 6.47 -21.84
C GLU A 33 3.58 7.16 -21.90
N LYS A 34 2.66 6.63 -22.66
CA LYS A 34 1.31 7.24 -22.76
C LYS A 34 0.29 6.18 -23.17
C ACE A 1 -20.01 1.39 16.95
O ACE A 1 -20.32 0.55 17.79
CH3 ACE A 1 -19.94 2.87 17.31
H1 ACE A 1 -20.79 3.13 17.93
H2 ACE A 1 -19.96 3.46 16.41
H3 ACE A 1 -19.03 3.07 17.85
N ARG A 2 -19.71 1.05 15.72
CA ARG A 2 -19.74 -0.38 15.30
C ARG A 2 -18.37 -0.79 14.76
N TYR A 3 -17.75 0.06 14.00
CA TYR A 3 -16.41 -0.27 13.45
C TYR A 3 -15.51 0.98 13.48
N PRO A 4 -15.28 1.52 14.65
CA PRO A 4 -14.42 2.73 14.91
C PRO A 4 -12.94 2.34 14.91
N TYR A 5 -12.55 1.56 15.87
CA TYR A 5 -11.13 1.12 15.97
C TYR A 5 -10.70 0.36 14.69
N TYR A 6 -11.66 -0.13 13.94
CA TYR A 6 -11.31 -0.88 12.69
C TYR A 6 -10.75 0.09 11.64
N LEU A 7 -11.29 1.28 11.59
CA LEU A 7 -10.82 2.28 10.58
C LEU A 7 -9.31 2.56 10.75
N SER A 8 -8.87 2.81 11.96
CA SER A 8 -7.42 3.11 12.19
C SER A 8 -6.53 1.97 11.70
N ASP A 9 -7.06 0.78 11.55
CA ASP A 9 -6.22 -0.36 11.08
C ASP A 9 -6.01 -0.28 9.57
N ILE A 10 -7.06 -0.04 8.83
CA ILE A 10 -6.92 0.04 7.34
C ILE A 10 -6.17 1.32 6.94
N THR A 11 -6.11 2.30 7.82
CA THR A 11 -5.41 3.57 7.48
C THR A 11 -3.90 3.42 7.68
N ASP A 12 -3.50 2.76 8.74
CA ASP A 12 -2.04 2.58 9.01
C ASP A 12 -1.45 1.62 7.98
N VAL A 13 -2.24 0.70 7.50
CA VAL A 13 -1.73 -0.29 6.49
C VAL A 13 -1.59 0.39 5.13
N ILE A 14 -2.50 1.28 4.80
CA ILE A 14 -2.43 1.98 3.48
C ILE A 14 -1.36 3.07 3.52
N PHE A 15 -1.04 3.59 4.68
CA PHE A 15 -0.02 4.65 4.78
C PHE A 15 1.36 4.05 4.46
N ILE A 16 1.75 3.05 5.21
CA ILE A 16 3.06 2.38 4.95
C ILE A 16 3.05 1.69 3.58
N TYR A 17 1.88 1.41 3.04
CA TYR A 17 1.83 0.73 1.71
C TYR A 17 2.43 1.66 0.65
N PHE A 18 1.97 2.89 0.59
CA PHE A 18 2.52 3.84 -0.42
C PHE A 18 4.03 4.02 -0.19
N ALA A 19 4.45 3.93 1.04
CA ALA A 19 5.89 4.10 1.38
C ALA A 19 6.74 3.02 0.68
N ALA A 20 6.48 1.77 0.96
CA ALA A 20 7.27 0.64 0.36
C ALA A 20 7.18 0.67 -1.16
N LEU A 21 6.00 0.80 -1.69
CA LEU A 21 5.81 0.79 -3.17
C LEU A 21 6.21 2.14 -3.81
N SER A 22 6.47 3.15 -3.02
CA SER A 22 6.85 4.49 -3.60
C SER A 22 8.00 4.34 -4.63
N PRO A 23 9.12 3.79 -4.21
CA PRO A 23 10.35 3.57 -5.07
C PRO A 23 10.10 2.46 -6.08
N ALA A 24 9.70 1.32 -5.59
CA ALA A 24 9.44 0.14 -6.49
C ALA A 24 8.54 0.54 -7.68
N ILE A 25 7.74 1.56 -7.52
CA ILE A 25 6.85 2.00 -8.63
C ILE A 25 7.58 3.05 -9.50
N THR A 26 8.39 3.88 -8.90
CA THR A 26 9.14 4.92 -9.68
C THR A 26 9.98 4.25 -10.77
N PHE A 27 10.81 3.31 -10.40
CA PHE A 27 11.67 2.63 -11.40
C PHE A 27 10.84 1.61 -12.20
N GLY A 28 10.48 0.52 -11.59
CA GLY A 28 9.67 -0.51 -12.30
C GLY A 28 10.60 -1.55 -12.93
N GLY A 29 10.64 -1.62 -14.23
CA GLY A 29 11.53 -2.61 -14.91
C GLY A 29 11.14 -2.74 -16.38
N LEU A 30 11.37 -1.70 -17.16
CA LEU A 30 11.02 -1.76 -18.60
C LEU A 30 11.96 -2.73 -19.33
N LEU A 31 13.18 -2.86 -18.85
CA LEU A 31 14.15 -3.78 -19.49
C LEU A 31 13.68 -5.22 -19.29
N GLY A 32 13.33 -5.58 -18.08
CA GLY A 32 12.86 -6.97 -17.80
C GLY A 32 12.23 -7.01 -16.41
N GLU A 33 10.94 -6.79 -16.31
CA GLU A 33 10.26 -6.82 -14.98
C GLU A 33 9.78 -8.24 -14.67
N LYS A 34 8.98 -8.80 -15.55
CA LYS A 34 8.46 -10.18 -15.31
C LYS A 34 8.90 -11.10 -16.45
#